data_9MIE
#
_entry.id   9MIE
#
_cell.length_a   1.00
_cell.length_b   1.00
_cell.length_c   1.00
_cell.angle_alpha   90.00
_cell.angle_beta   90.00
_cell.angle_gamma   90.00
#
_symmetry.space_group_name_H-M   'P 1'
#
loop_
_entity.id
_entity.type
_entity.pdbx_description
1 polymer 'NACHT, LRR and PYD domains-containing protein 3'
2 non-polymer "ADENOSINE-5'-TRIPHOSPHATE"
3 non-polymer (2P)-2-(4-{[(3R)-1-methylpiperidin-3-yl]amino}-6,7-dihydro-5H-cyclopenta[d]pyridazin-1-yl)-5-(trifluoromethyl)phenol
#
_entity_poly.entity_id   1
_entity_poly.type   'polypeptide(L)'
_entity_poly.pdbx_seq_one_letter_code
;MKMASTRCKLARYLEDLEDVDLKKFKMHLEDYPPQKGCIPLPRGQTEKADHVDLATLMIDFNGEEKAWAMAVWIFAAINR
RDLYEKAKRDEPKWGSDNARVSNPTVICQEDSIEEEWMGLLEYLSRISICKMKKDYRKKYRKYVRSRFQCIEDRNARLGE
SVSLNKRYTRLRLIKEHRSQQEREQELLAIGKTKTCESPVSPIKMELLFDPDDEHSEPVHTVVFQGAAGIGKTILARKMM
LDWASGTLYQDRFDYLFYIHCREVSLVTQRSLGDLIMSCCPDPNPPIHKIVRKPSRILFLMDGFDELQGAFDEHIGPLCT
DWQKAERGDILLSSLIRKKLLPEASLLITTRPVALEKLQHLLDHPRHVEILGFSEAKRKEYFFKYFSDEAQARAAFSLIQ
ENEVLFTMCFIPLVCWIVCTGLKQQMESGKSLAQTSKTTTAVYVFFLSSLLQPRGGSQEHGLCAHLWGLCSLAADGIWNQ
KILFEESDLRNHGLQKADVSAFLRMNLFQKEVDCEKFYSFIHMTFQEFFAAMYYLLEEEKEGRTNVPGSRLKLPSRDVTV
LLENYGKFEKGYLIFVVRFLFGLVNQERTSYLEKKLSCKISQQIRLELLKWIEVKAKAKKLQIQPSQLELFYCLYEMQEE
DFVQRAMDYFPKIEINLSTRMDHMVSSFCIENCHRVESLSLGFLHNMPKEEEEEEKEGRHLDMVQCVLPSSSHAACSHGL
VNSHLTSSFCRGLFSVLSTSQSLTELDLSDNSLGDPGMRVLCETLQHPGCNIRRLWLGRCGLSHECCFDISLVLSSNQKL
VELDLSDNALGDFGIRLLCVGLKHLLCNLKKLWLVSCCLTSACCQDLASVLSTSHSLTRLYVGENALGDSGVAILCEKAK
NPQCNLQKLGLVNSGLTSVCCSALSSVLSTNQNLTHLYLRGNTLGDKGIKLLCEGLLHPDCKLQVLELDNCNLTSHCCWD
LSTLLTSSQSLRKLSLGNNDLGDLGVMMFCEVLKQQSCLLQNLGLSEMYFNYETKSALETLQEEKPELTVVFEPSW
;
_entity_poly.pdbx_strand_id   C
#
loop_
_chem_comp.id
_chem_comp.type
_chem_comp.name
_chem_comp.formula
A1BLP non-polymer (2P)-2-(4-{[(3R)-1-methylpiperidin-3-yl]amino}-6,7-dihydro-5H-cyclopenta[d]pyridazin-1-yl)-5-(trifluoromethyl)phenol 'C20 H23 F3 N4 O'
ATP non-polymer ADENOSINE-5'-TRIPHOSPHATE 'C10 H16 N5 O13 P3'
#
# COMPACT_ATOMS: atom_id res chain seq x y z
N LYS A 133 -41.21 31.14 17.27
CA LYS A 133 -41.31 30.85 18.70
C LYS A 133 -40.81 29.44 19.07
N LYS A 134 -40.63 28.57 18.07
CA LYS A 134 -40.17 27.20 18.26
C LYS A 134 -38.72 27.04 17.81
N ASP A 135 -38.02 26.10 18.44
CA ASP A 135 -36.64 25.82 18.10
C ASP A 135 -36.55 24.85 16.93
N TYR A 136 -36.11 25.35 15.79
CA TYR A 136 -36.05 24.60 14.53
C TYR A 136 -35.28 23.31 14.66
N ARG A 137 -34.35 23.26 15.60
CA ARG A 137 -33.51 22.08 15.75
C ARG A 137 -34.34 20.83 16.04
N LYS A 138 -35.46 21.01 16.74
CA LYS A 138 -36.27 19.86 17.10
C LYS A 138 -36.92 19.25 15.86
N LYS A 139 -37.46 20.11 15.01
CA LYS A 139 -38.09 19.63 13.80
C LYS A 139 -37.05 19.06 12.84
N TYR A 140 -35.88 19.69 12.81
CA TYR A 140 -34.83 19.20 11.93
C TYR A 140 -34.46 17.78 12.29
N ARG A 141 -34.27 17.54 13.59
CA ARG A 141 -33.90 16.21 14.06
C ARG A 141 -34.98 15.19 13.73
N LYS A 142 -36.25 15.56 13.92
CA LYS A 142 -37.33 14.64 13.60
C LYS A 142 -37.30 14.26 12.13
N TYR A 143 -37.12 15.26 11.26
CA TYR A 143 -37.07 14.99 9.83
C TYR A 143 -35.97 14.02 9.48
N VAL A 144 -34.78 14.28 10.00
CA VAL A 144 -33.65 13.42 9.73
C VAL A 144 -33.89 12.02 10.25
N ARG A 145 -34.40 11.93 11.47
CA ARG A 145 -34.65 10.64 12.09
C ARG A 145 -35.63 9.81 11.26
N SER A 146 -36.66 10.46 10.71
CA SER A 146 -37.64 9.77 9.89
C SER A 146 -37.10 9.42 8.50
N ARG A 147 -36.31 10.32 7.93
CA ARG A 147 -35.80 10.11 6.58
C ARG A 147 -34.75 9.01 6.50
N PHE A 148 -33.79 9.03 7.41
CA PHE A 148 -32.69 8.07 7.35
C PHE A 148 -33.00 6.77 8.07
N GLN A 149 -34.03 6.08 7.59
CA GLN A 149 -34.37 4.76 8.10
C GLN A 149 -34.45 3.76 6.97
N CYS A 150 -33.70 4.02 5.91
CA CYS A 150 -33.63 3.12 4.77
C CYS A 150 -32.18 3.01 4.30
N ILE A 151 -31.80 1.79 3.91
CA ILE A 151 -30.44 1.51 3.51
C ILE A 151 -30.03 2.26 2.24
N GLU A 152 -30.91 2.28 1.24
CA GLU A 152 -30.60 2.96 -0.03
C GLU A 152 -31.65 4.00 -0.42
N ASP A 153 -32.59 4.31 0.47
CA ASP A 153 -33.68 5.23 0.16
C ASP A 153 -34.40 4.82 -1.12
N ARG A 154 -34.74 3.53 -1.24
CA ARG A 154 -35.32 3.01 -2.46
C ARG A 154 -36.55 2.16 -2.26
N ASN A 155 -37.27 1.93 -3.34
CA ASN A 155 -38.36 0.97 -3.41
C ASN A 155 -37.81 -0.39 -3.83
N ALA A 156 -38.71 -1.33 -4.11
CA ALA A 156 -38.34 -2.69 -4.48
C ALA A 156 -37.54 -3.37 -3.37
N ARG A 157 -37.91 -3.11 -2.12
CA ARG A 157 -37.22 -3.72 -1.00
C ARG A 157 -37.83 -5.07 -0.68
N LEU A 158 -37.60 -6.05 -1.55
CA LEU A 158 -38.18 -7.38 -1.39
C LEU A 158 -39.67 -7.30 -1.12
N GLY A 159 -40.42 -6.65 -2.02
CA GLY A 159 -41.85 -6.44 -1.80
C GLY A 159 -42.11 -5.15 -1.05
N GLU A 160 -41.13 -4.25 -1.05
CA GLU A 160 -41.19 -2.95 -0.37
C GLU A 160 -41.50 -3.09 1.12
N SER A 161 -40.80 -4.00 1.77
CA SER A 161 -40.94 -4.20 3.21
C SER A 161 -40.16 -3.13 3.96
N VAL A 162 -40.35 -3.06 5.27
CA VAL A 162 -39.62 -2.09 6.07
C VAL A 162 -38.13 -2.40 6.04
N SER A 163 -37.31 -1.37 5.81
CA SER A 163 -35.86 -1.54 5.68
C SER A 163 -35.23 -2.11 6.93
N LEU A 164 -35.73 -1.70 8.10
CA LEU A 164 -35.23 -2.19 9.36
C LEU A 164 -33.72 -2.04 9.50
N ASN A 165 -33.27 -0.82 9.72
CA ASN A 165 -31.84 -0.53 9.79
C ASN A 165 -31.16 -1.20 10.99
N LYS A 166 -31.94 -1.90 11.80
CA LYS A 166 -31.40 -2.72 12.88
C LYS A 166 -30.56 -3.85 12.31
N ARG A 167 -30.73 -4.11 11.00
CA ARG A 167 -29.96 -5.12 10.28
C ARG A 167 -28.50 -4.69 10.12
N TYR A 168 -28.22 -3.43 10.43
CA TYR A 168 -26.88 -2.90 10.31
C TYR A 168 -25.85 -3.76 11.02
N THR A 169 -24.79 -4.08 10.32
CA THR A 169 -23.71 -4.89 10.85
C THR A 169 -22.53 -3.99 11.15
N ARG A 170 -22.01 -4.07 12.36
CA ARG A 170 -20.95 -3.17 12.79
C ARG A 170 -19.70 -3.28 11.93
N LEU A 171 -19.20 -2.13 11.49
CA LEU A 171 -17.96 -2.06 10.75
C LEU A 171 -16.85 -1.57 11.66
N ARG A 172 -15.65 -2.08 11.46
CA ARG A 172 -14.51 -1.68 12.27
C ARG A 172 -13.80 -0.49 11.65
N LEU A 173 -13.41 0.45 12.50
CA LEU A 173 -12.72 1.65 12.04
C LEU A 173 -11.29 1.70 12.53
N ILE A 174 -10.36 1.90 11.61
CA ILE A 174 -8.94 1.97 11.97
C ILE A 174 -8.35 3.34 11.73
N LYS A 175 -7.71 3.90 12.74
CA LYS A 175 -7.04 5.18 12.58
C LYS A 175 -5.74 4.97 11.80
N GLU A 176 -5.54 5.72 10.72
CA GLU A 176 -4.35 5.61 9.88
C GLU A 176 -3.12 6.17 10.60
N SER A 201 -4.99 -0.06 14.86
CA SER A 201 -5.28 1.03 15.77
C SER A 201 -6.78 1.41 15.74
N PRO A 202 -7.67 0.59 16.37
CA PRO A 202 -9.12 0.77 16.42
C PRO A 202 -9.53 2.10 17.03
N ILE A 203 -10.54 2.72 16.43
CA ILE A 203 -11.08 3.99 16.91
C ILE A 203 -12.59 3.85 17.11
N LYS A 204 -13.11 4.53 18.13
CA LYS A 204 -14.53 4.45 18.41
C LYS A 204 -15.34 5.13 17.33
N MET A 205 -16.64 4.82 17.28
CA MET A 205 -17.52 5.48 16.33
C MET A 205 -17.60 6.96 16.62
N GLU A 206 -17.57 7.29 17.90
CA GLU A 206 -17.53 8.68 18.32
C GLU A 206 -16.08 9.06 18.59
N LEU A 207 -15.84 10.31 18.96
CA LEU A 207 -14.48 10.83 19.17
C LEU A 207 -13.70 10.94 17.87
N LEU A 208 -14.39 10.97 16.73
CA LEU A 208 -13.69 11.07 15.45
C LEU A 208 -13.11 12.45 15.23
N PHE A 209 -13.74 13.46 15.81
CA PHE A 209 -13.30 14.84 15.62
C PHE A 209 -12.55 15.34 16.85
N ASP A 210 -12.67 14.59 17.94
CA ASP A 210 -12.08 14.99 19.21
C ASP A 210 -10.57 15.12 19.12
N PRO A 211 -9.98 15.99 19.94
CA PRO A 211 -8.57 16.27 20.02
C PRO A 211 -7.79 15.05 20.47
N ASP A 212 -6.57 14.95 19.97
CA ASP A 212 -5.69 13.84 20.27
C ASP A 212 -5.00 14.09 21.61
N ASP A 213 -4.17 13.16 22.05
CA ASP A 213 -3.48 13.31 23.32
C ASP A 213 -2.39 14.37 23.27
N GLU A 214 -1.78 14.54 22.09
CA GLU A 214 -0.70 15.50 21.96
C GLU A 214 -1.22 16.89 21.69
N HIS A 215 -0.89 17.82 22.59
CA HIS A 215 -1.27 19.23 22.49
C HIS A 215 -2.78 19.45 22.45
N SER A 216 -3.54 18.40 22.72
CA SER A 216 -4.99 18.47 22.72
C SER A 216 -5.52 19.16 21.46
N GLU A 217 -4.91 18.86 20.31
CA GLU A 217 -5.32 19.51 19.06
C GLU A 217 -6.52 18.82 18.41
N PRO A 218 -7.65 19.55 18.21
CA PRO A 218 -8.92 19.10 17.63
C PRO A 218 -8.82 18.94 16.13
N VAL A 219 -9.67 18.10 15.55
CA VAL A 219 -9.66 17.93 14.10
C VAL A 219 -11.00 18.30 13.47
N HIS A 220 -10.96 19.25 12.55
CA HIS A 220 -12.17 19.69 11.89
C HIS A 220 -12.60 18.75 10.78
N THR A 221 -11.62 18.13 10.11
CA THR A 221 -11.93 17.30 8.96
C THR A 221 -11.51 15.86 9.16
N VAL A 222 -12.44 14.95 8.94
CA VAL A 222 -12.20 13.52 9.04
C VAL A 222 -12.55 12.86 7.73
N VAL A 223 -11.67 12.03 7.23
CA VAL A 223 -11.91 11.37 5.96
C VAL A 223 -11.97 9.87 6.10
N PHE A 224 -13.09 9.29 5.73
CA PHE A 224 -13.24 7.85 5.70
C PHE A 224 -12.86 7.35 4.33
N GLN A 225 -12.14 6.24 4.29
CA GLN A 225 -11.85 5.65 2.99
C GLN A 225 -12.06 4.16 2.98
N GLY A 226 -12.40 3.63 1.82
CA GLY A 226 -12.58 2.19 1.69
C GLY A 226 -12.99 1.75 0.30
N ALA A 227 -13.01 0.43 0.11
CA ALA A 227 -13.32 -0.20 -1.17
C ALA A 227 -14.77 -0.04 -1.56
N ALA A 228 -15.04 -0.15 -2.85
CA ALA A 228 -16.41 -0.13 -3.31
C ALA A 228 -17.17 -1.27 -2.67
N GLY A 229 -18.35 -0.97 -2.14
CA GLY A 229 -19.19 -2.00 -1.54
C GLY A 229 -18.86 -2.22 -0.07
N ILE A 230 -17.86 -1.52 0.45
CA ILE A 230 -17.45 -1.67 1.85
C ILE A 230 -18.51 -1.14 2.80
N GLY A 231 -19.34 -0.23 2.30
CA GLY A 231 -20.40 0.33 3.13
C GLY A 231 -20.16 1.76 3.58
N LYS A 232 -19.31 2.49 2.88
CA LYS A 232 -19.04 3.88 3.25
C LYS A 232 -20.33 4.67 3.41
N THR A 233 -21.24 4.50 2.45
CA THR A 233 -22.48 5.26 2.43
C THR A 233 -23.41 4.84 3.56
N ILE A 234 -23.35 3.57 3.95
CA ILE A 234 -24.22 3.07 5.01
C ILE A 234 -23.72 3.55 6.36
N LEU A 235 -22.40 3.55 6.53
CA LEU A 235 -21.82 4.04 7.76
C LEU A 235 -22.22 5.49 7.96
N ALA A 236 -22.20 6.27 6.88
CA ALA A 236 -22.60 7.67 6.95
C ALA A 236 -24.06 7.81 7.36
N ARG A 237 -24.92 6.95 6.81
CA ARG A 237 -26.33 6.99 7.18
C ARG A 237 -26.52 6.64 8.64
N LYS A 238 -25.77 5.65 9.12
CA LYS A 238 -25.89 5.24 10.51
C LYS A 238 -25.51 6.38 11.42
N MET A 239 -24.43 7.10 11.09
CA MET A 239 -24.04 8.23 11.92
C MET A 239 -25.13 9.27 11.96
N MET A 240 -25.72 9.54 10.81
CA MET A 240 -26.78 10.54 10.74
C MET A 240 -27.95 10.15 11.64
N LEU A 241 -28.35 8.89 11.59
CA LEU A 241 -29.48 8.43 12.39
C LEU A 241 -29.15 8.43 13.88
N ASP A 242 -27.97 7.95 14.24
CA ASP A 242 -27.59 7.91 15.65
C ASP A 242 -27.55 9.31 16.23
N TRP A 243 -27.14 10.28 15.42
CA TRP A 243 -27.18 11.66 15.86
C TRP A 243 -28.60 12.14 16.06
N ALA A 244 -29.45 11.89 15.06
CA ALA A 244 -30.84 12.36 15.13
C ALA A 244 -31.56 11.78 16.34
N SER A 245 -31.19 10.55 16.71
CA SER A 245 -31.79 9.87 17.84
C SER A 245 -31.23 10.35 19.18
N GLY A 246 -30.23 11.22 19.14
CA GLY A 246 -29.65 11.78 20.36
C GLY A 246 -28.62 10.88 21.03
N THR A 247 -27.95 10.01 20.27
CA THR A 247 -26.95 9.14 20.86
C THR A 247 -25.53 9.54 20.47
N LEU A 248 -25.36 9.94 19.21
CA LEU A 248 -24.03 10.28 18.70
C LEU A 248 -23.83 11.79 18.60
N TYR A 249 -22.76 12.28 19.22
CA TYR A 249 -22.45 13.71 19.22
C TYR A 249 -23.60 14.54 19.77
N GLN A 250 -24.28 14.01 20.77
CA GLN A 250 -25.45 14.66 21.33
C GLN A 250 -25.17 16.11 21.72
N ASP A 251 -24.00 16.36 22.28
CA ASP A 251 -23.65 17.68 22.76
C ASP A 251 -22.64 18.42 21.89
N ARG A 252 -22.37 17.91 20.69
CA ARG A 252 -21.37 18.57 19.86
C ARG A 252 -21.94 19.28 18.65
N PHE A 253 -22.93 18.68 17.99
CA PHE A 253 -23.45 19.32 16.78
C PHE A 253 -24.95 19.58 16.84
N ASP A 254 -25.34 20.78 16.39
CA ASP A 254 -26.75 21.16 16.33
C ASP A 254 -27.38 20.68 15.04
N TYR A 255 -26.59 20.65 13.97
CA TYR A 255 -27.10 20.19 12.69
C TYR A 255 -26.12 19.29 11.97
N LEU A 256 -26.62 18.22 11.37
CA LEU A 256 -25.84 17.43 10.44
C LEU A 256 -26.44 17.56 9.05
N PHE A 257 -25.61 17.88 8.07
CA PHE A 257 -26.12 18.09 6.73
C PHE A 257 -25.59 17.06 5.76
N TYR A 258 -26.47 16.20 5.27
CA TYR A 258 -26.05 15.17 4.35
C TYR A 258 -26.01 15.70 2.93
N ILE A 259 -24.85 15.57 2.30
CA ILE A 259 -24.68 15.96 0.92
C ILE A 259 -24.45 14.72 0.08
N HIS A 260 -25.34 14.48 -0.86
CA HIS A 260 -25.20 13.30 -1.69
C HIS A 260 -24.41 13.70 -2.93
N CYS A 261 -23.20 13.16 -3.06
CA CYS A 261 -22.30 13.58 -4.13
C CYS A 261 -22.77 13.03 -5.47
N ARG A 262 -23.77 12.16 -5.42
CA ARG A 262 -24.38 11.58 -6.59
C ARG A 262 -25.45 12.50 -7.15
N GLU A 263 -25.90 13.46 -6.34
CA GLU A 263 -26.97 14.37 -6.73
C GLU A 263 -26.43 15.75 -7.09
N VAL A 264 -25.34 16.14 -6.45
CA VAL A 264 -24.80 17.48 -6.66
C VAL A 264 -23.77 17.51 -7.77
N SER A 265 -24.14 18.11 -8.88
CA SER A 265 -23.25 18.24 -10.03
C SER A 265 -22.32 19.40 -9.82
N LEU A 266 -21.29 19.50 -10.65
CA LEU A 266 -20.32 20.59 -10.52
C LEU A 266 -20.63 21.77 -11.44
N VAL A 267 -21.30 21.50 -12.56
CA VAL A 267 -21.53 22.53 -13.58
C VAL A 267 -22.51 23.62 -13.16
N THR A 268 -23.61 23.23 -12.51
CA THR A 268 -24.66 24.17 -12.13
C THR A 268 -24.20 25.19 -11.10
N GLN A 269 -24.50 26.46 -11.36
CA GLN A 269 -24.17 27.53 -10.44
C GLN A 269 -25.24 27.65 -9.35
N ARG A 270 -24.81 27.69 -8.09
CA ARG A 270 -25.76 27.78 -6.98
C ARG A 270 -25.12 28.32 -5.71
N SER A 271 -25.95 28.89 -4.84
CA SER A 271 -25.54 29.35 -3.52
C SER A 271 -25.47 28.18 -2.57
N LEU A 272 -25.04 28.42 -1.34
CA LEU A 272 -24.96 27.32 -0.40
C LEU A 272 -26.33 26.99 0.14
N GLY A 273 -27.16 26.44 -0.75
CA GLY A 273 -28.53 26.07 -0.44
C GLY A 273 -28.61 24.64 0.02
N ASP A 274 -27.44 24.02 0.21
CA ASP A 274 -27.35 22.63 0.66
C ASP A 274 -28.04 22.49 1.99
N LEU A 275 -27.98 23.55 2.80
CA LEU A 275 -28.55 23.54 4.13
C LEU A 275 -30.06 23.58 4.09
N ILE A 276 -30.60 23.91 2.91
CA ILE A 276 -32.04 23.92 2.71
C ILE A 276 -32.46 22.65 1.97
N MET A 277 -31.70 22.31 0.93
CA MET A 277 -32.00 21.15 0.09
C MET A 277 -32.10 19.86 0.90
N SER A 278 -31.23 19.71 1.89
CA SER A 278 -31.20 18.49 2.69
C SER A 278 -31.96 18.61 4.01
N CYS A 279 -32.73 19.70 4.18
CA CYS A 279 -33.48 19.89 5.42
C CYS A 279 -34.93 19.50 5.23
N CYS A 280 -35.71 19.70 6.30
CA CYS A 280 -37.13 19.40 6.29
C CYS A 280 -37.80 20.14 5.13
N PRO A 281 -39.04 19.77 4.76
CA PRO A 281 -39.82 20.31 3.65
C PRO A 281 -40.00 21.82 3.68
N ASP A 282 -39.85 22.43 4.86
CA ASP A 282 -40.03 23.87 5.00
C ASP A 282 -38.92 24.61 4.23
N PRO A 283 -39.27 25.36 3.17
CA PRO A 283 -38.36 26.00 2.25
C PRO A 283 -37.67 27.23 2.84
N ASN A 284 -38.08 27.64 4.03
CA ASN A 284 -37.51 28.83 4.64
C ASN A 284 -37.09 28.66 6.09
N PRO A 285 -36.06 27.84 6.35
CA PRO A 285 -35.45 27.61 7.64
C PRO A 285 -34.68 28.84 8.08
N PRO A 286 -34.40 28.98 9.37
CA PRO A 286 -33.70 30.08 9.99
C PRO A 286 -32.20 30.03 9.74
N ILE A 287 -31.82 30.20 8.48
CA ILE A 287 -30.43 30.11 8.06
C ILE A 287 -29.57 31.15 8.75
N HIS A 288 -30.12 32.34 8.95
CA HIS A 288 -29.37 33.45 9.52
C HIS A 288 -29.31 33.41 11.04
N LYS A 289 -29.92 32.41 11.65
CA LYS A 289 -29.95 32.35 13.10
C LYS A 289 -29.00 31.27 13.61
N ILE A 290 -29.51 30.34 14.41
CA ILE A 290 -28.66 29.33 15.01
C ILE A 290 -27.96 28.46 13.95
N VAL A 291 -28.58 28.32 12.79
CA VAL A 291 -28.01 27.54 11.69
C VAL A 291 -26.70 28.15 11.21
N ARG A 292 -26.51 29.43 11.51
CA ARG A 292 -25.35 30.20 11.10
C ARG A 292 -24.13 29.97 11.96
N LYS A 293 -24.31 29.48 13.18
CA LYS A 293 -23.21 29.38 14.13
C LYS A 293 -22.17 28.32 13.73
N PRO A 294 -20.89 28.70 13.61
CA PRO A 294 -19.74 27.84 13.37
C PRO A 294 -19.50 26.90 14.54
N SER A 295 -18.80 25.79 14.28
CA SER A 295 -18.43 24.81 15.30
C SER A 295 -19.60 24.01 15.83
N ARG A 296 -20.79 24.25 15.28
CA ARG A 296 -21.99 23.54 15.73
C ARG A 296 -22.62 22.74 14.61
N ILE A 297 -21.96 22.65 13.47
CA ILE A 297 -22.54 21.86 12.39
C ILE A 297 -21.53 20.88 11.84
N LEU A 298 -22.04 19.80 11.26
CA LEU A 298 -21.22 18.81 10.61
C LEU A 298 -21.74 18.48 9.21
N PHE A 299 -20.88 18.65 8.21
CA PHE A 299 -21.25 18.30 6.84
C PHE A 299 -20.79 16.89 6.53
N LEU A 300 -21.59 16.16 5.76
CA LEU A 300 -21.20 14.83 5.32
C LEU A 300 -21.21 14.75 3.80
N MET A 301 -20.03 14.59 3.20
CA MET A 301 -19.91 14.49 1.75
C MET A 301 -19.79 13.05 1.34
N ASP A 302 -20.91 12.44 0.99
CA ASP A 302 -20.94 11.01 0.79
C ASP A 302 -20.69 10.59 -0.66
N GLY A 303 -19.51 10.04 -0.92
CA GLY A 303 -19.15 9.59 -2.26
C GLY A 303 -18.40 10.64 -3.07
N PHE A 304 -17.33 11.18 -2.51
CA PHE A 304 -16.55 12.19 -3.22
C PHE A 304 -16.17 11.71 -4.62
N ASP A 305 -15.80 10.45 -4.74
CA ASP A 305 -15.38 9.91 -6.03
C ASP A 305 -16.52 9.76 -7.03
N GLU A 306 -17.77 9.90 -6.55
CA GLU A 306 -18.92 9.77 -7.43
C GLU A 306 -19.33 11.10 -8.04
N LEU A 307 -18.62 12.17 -7.72
CA LEU A 307 -18.95 13.48 -8.28
C LEU A 307 -18.86 13.41 -9.79
N GLN A 308 -19.88 13.90 -10.46
CA GLN A 308 -19.91 13.84 -11.91
C GLN A 308 -19.51 15.18 -12.52
N GLY A 309 -18.43 15.14 -13.29
CA GLY A 309 -17.86 16.33 -13.92
C GLY A 309 -16.38 16.40 -13.60
N ALA A 310 -15.63 17.12 -14.44
CA ALA A 310 -14.21 17.27 -14.18
C ALA A 310 -14.02 18.08 -12.91
N PHE A 311 -13.06 17.69 -12.10
CA PHE A 311 -12.80 18.40 -10.86
C PHE A 311 -11.31 18.68 -10.68
N ASP A 312 -10.97 19.95 -10.51
CA ASP A 312 -9.59 20.35 -10.31
C ASP A 312 -9.37 20.90 -8.92
N GLU A 313 -8.16 20.72 -8.40
CA GLU A 313 -7.76 21.33 -7.15
C GLU A 313 -7.27 22.76 -7.38
N HIS A 314 -7.00 23.07 -8.65
CA HIS A 314 -6.40 24.34 -9.03
C HIS A 314 -7.44 25.43 -9.17
N ILE A 315 -8.06 25.81 -8.07
CA ILE A 315 -9.07 26.84 -8.09
C ILE A 315 -8.64 28.10 -7.36
N GLY A 316 -8.55 29.19 -8.11
CA GLY A 316 -8.21 30.50 -7.58
C GLY A 316 -9.38 31.11 -6.80
N PRO A 317 -10.48 31.45 -7.48
CA PRO A 317 -11.64 32.13 -6.96
C PRO A 317 -12.51 31.19 -6.15
N LEU A 318 -12.05 30.88 -4.94
CA LEU A 318 -12.77 29.94 -4.09
C LEU A 318 -14.14 30.47 -3.71
N CYS A 319 -14.26 31.79 -3.64
CA CYS A 319 -15.54 32.44 -3.40
C CYS A 319 -16.22 32.01 -2.09
N THR A 320 -15.76 32.59 -0.99
CA THR A 320 -16.38 32.38 0.31
C THR A 320 -17.64 33.24 0.38
N ASP A 321 -18.37 33.15 1.48
CA ASP A 321 -19.69 33.80 1.64
C ASP A 321 -20.79 32.96 1.04
N TRP A 322 -21.42 32.17 1.90
CA TRP A 322 -22.47 31.23 1.55
C TRP A 322 -23.64 31.87 0.81
N GLN A 323 -23.78 33.18 0.95
CA GLN A 323 -24.88 33.92 0.35
C GLN A 323 -24.78 34.03 -1.17
N LYS A 324 -23.58 33.82 -1.70
CA LYS A 324 -23.39 34.01 -3.15
C LYS A 324 -23.37 32.70 -3.90
N ALA A 325 -23.89 32.73 -5.12
CA ALA A 325 -23.93 31.54 -5.96
C ALA A 325 -22.69 31.44 -6.82
N GLU A 326 -22.15 30.23 -6.92
CA GLU A 326 -20.98 29.99 -7.75
C GLU A 326 -20.99 28.56 -8.30
N ARG A 327 -20.02 28.24 -9.14
CA ARG A 327 -19.91 26.91 -9.75
C ARG A 327 -19.70 25.86 -8.66
N GLY A 328 -20.19 24.65 -8.91
CA GLY A 328 -20.22 23.58 -7.91
C GLY A 328 -18.85 23.11 -7.44
N ASP A 329 -17.86 23.11 -8.32
CA ASP A 329 -16.53 22.65 -7.95
C ASP A 329 -15.86 23.69 -7.08
N ILE A 330 -16.14 24.95 -7.39
CA ILE A 330 -15.62 26.05 -6.61
C ILE A 330 -16.25 26.04 -5.23
N LEU A 331 -17.57 25.88 -5.19
CA LEU A 331 -18.29 25.85 -3.92
C LEU A 331 -17.81 24.67 -3.07
N LEU A 332 -17.64 23.52 -3.72
CA LEU A 332 -17.18 22.32 -3.04
C LEU A 332 -15.76 22.50 -2.50
N SER A 333 -14.87 23.02 -3.33
CA SER A 333 -13.49 23.21 -2.93
C SER A 333 -13.38 24.14 -1.74
N SER A 334 -14.14 25.22 -1.76
CA SER A 334 -14.11 26.19 -0.67
C SER A 334 -14.54 25.55 0.64
N LEU A 335 -15.56 24.70 0.60
CA LEU A 335 -16.01 24.03 1.81
C LEU A 335 -14.98 23.00 2.29
N ILE A 336 -14.40 22.24 1.37
CA ILE A 336 -13.41 21.23 1.75
C ILE A 336 -12.18 21.87 2.37
N ARG A 337 -11.74 22.99 1.82
CA ARG A 337 -10.57 23.71 2.31
C ARG A 337 -10.86 24.50 3.59
N LYS A 338 -12.11 24.45 4.06
CA LYS A 338 -12.54 25.17 5.25
C LYS A 338 -12.43 26.68 5.08
N LYS A 339 -12.68 27.18 3.88
CA LYS A 339 -12.67 28.61 3.65
C LYS A 339 -14.10 29.12 3.76
N LEU A 340 -15.02 28.27 3.34
CA LEU A 340 -16.44 28.55 3.44
C LEU A 340 -16.93 28.04 4.78
N LEU A 341 -17.58 28.90 5.53
CA LEU A 341 -18.01 28.55 6.87
C LEU A 341 -16.88 27.92 7.70
N PRO A 342 -15.84 28.68 8.04
CA PRO A 342 -14.70 28.24 8.82
C PRO A 342 -15.21 27.66 10.12
N GLU A 343 -14.50 26.67 10.65
CA GLU A 343 -14.87 25.97 11.87
C GLU A 343 -16.10 25.08 11.71
N ALA A 344 -16.55 24.89 10.47
CA ALA A 344 -17.59 23.92 10.21
C ALA A 344 -16.96 22.56 9.98
N SER A 345 -17.26 21.62 10.85
CA SER A 345 -16.66 20.31 10.75
C SER A 345 -17.10 19.62 9.48
N LEU A 346 -16.23 18.79 8.93
CA LEU A 346 -16.52 18.11 7.69
C LEU A 346 -16.09 16.65 7.68
N LEU A 347 -17.02 15.78 7.32
CA LEU A 347 -16.75 14.36 7.16
C LEU A 347 -16.87 13.97 5.70
N ILE A 348 -15.84 13.33 5.17
CA ILE A 348 -15.83 12.91 3.77
C ILE A 348 -15.71 11.41 3.64
N THR A 349 -16.50 10.82 2.75
CA THR A 349 -16.35 9.40 2.45
C THR A 349 -15.90 9.26 1.01
N THR A 350 -14.87 8.46 0.79
CA THR A 350 -14.34 8.32 -0.56
C THR A 350 -13.60 7.02 -0.81
N ARG A 351 -13.57 6.59 -2.06
CA ARG A 351 -12.66 5.52 -2.43
C ARG A 351 -11.24 6.09 -2.46
N PRO A 352 -10.23 5.29 -2.12
CA PRO A 352 -8.83 5.69 -2.02
C PRO A 352 -8.31 6.23 -3.35
N VAL A 353 -8.98 5.90 -4.43
CA VAL A 353 -8.59 6.33 -5.74
C VAL A 353 -8.68 7.84 -5.91
N ALA A 354 -9.55 8.47 -5.14
CA ALA A 354 -9.76 9.91 -5.24
C ALA A 354 -8.87 10.68 -4.28
N LEU A 355 -8.00 9.98 -3.55
CA LEU A 355 -7.12 10.67 -2.63
C LEU A 355 -6.12 11.52 -3.39
N GLU A 356 -5.92 11.19 -4.67
CA GLU A 356 -5.04 11.99 -5.52
C GLU A 356 -5.55 13.41 -5.68
N LYS A 357 -6.85 13.63 -5.47
CA LYS A 357 -7.43 14.96 -5.57
C LYS A 357 -7.59 15.60 -4.20
N LEU A 358 -8.03 14.81 -3.23
CA LEU A 358 -8.28 15.34 -1.89
C LEU A 358 -7.01 15.76 -1.17
N GLN A 359 -5.89 15.12 -1.49
CA GLN A 359 -4.63 15.44 -0.83
C GLN A 359 -4.26 16.91 -0.97
N HIS A 360 -4.84 17.60 -1.96
CA HIS A 360 -4.51 18.98 -2.21
C HIS A 360 -5.51 19.95 -1.58
N LEU A 361 -6.57 19.40 -0.99
CA LEU A 361 -7.63 20.23 -0.44
C LEU A 361 -7.73 20.11 1.09
N LEU A 362 -7.44 18.92 1.59
CA LEU A 362 -7.67 18.60 3.00
C LEU A 362 -6.72 19.33 3.96
N ASP A 363 -5.46 19.50 3.54
CA ASP A 363 -4.41 20.13 4.35
C ASP A 363 -4.06 19.35 5.62
N HIS A 364 -4.98 19.31 6.58
CA HIS A 364 -4.74 18.63 7.84
C HIS A 364 -5.90 17.76 8.31
N PRO A 365 -6.23 16.71 7.56
CA PRO A 365 -7.27 15.74 7.85
C PRO A 365 -6.83 14.68 8.83
N ARG A 366 -7.80 14.02 9.43
CA ARG A 366 -7.59 12.75 10.10
C ARG A 366 -8.11 11.65 9.20
N HIS A 367 -7.35 10.58 9.04
CA HIS A 367 -7.79 9.51 8.14
C HIS A 367 -8.17 8.25 8.89
N VAL A 368 -9.32 7.70 8.53
CA VAL A 368 -9.82 6.47 9.11
C VAL A 368 -10.23 5.49 8.03
N GLU A 369 -9.74 4.26 8.10
CA GLU A 369 -10.08 3.26 7.11
C GLU A 369 -11.21 2.38 7.59
N ILE A 370 -12.11 2.04 6.66
CA ILE A 370 -13.23 1.17 6.99
C ILE A 370 -12.94 -0.26 6.60
N LEU A 371 -13.07 -1.16 7.57
CA LEU A 371 -12.87 -2.57 7.32
C LEU A 371 -14.20 -3.26 7.09
N GLY A 372 -14.16 -4.44 6.49
CA GLY A 372 -15.38 -5.19 6.20
C GLY A 372 -15.78 -6.07 7.36
N PHE A 373 -16.55 -7.11 7.06
CA PHE A 373 -17.08 -7.96 8.11
C PHE A 373 -16.08 -8.98 8.59
N SER A 374 -16.07 -9.22 9.90
CA SER A 374 -15.31 -10.31 10.47
C SER A 374 -16.08 -11.60 10.27
N GLU A 375 -15.45 -12.75 10.52
CA GLU A 375 -16.14 -14.02 10.34
C GLU A 375 -17.43 -14.08 11.16
N ALA A 376 -17.35 -13.65 12.41
CA ALA A 376 -18.51 -13.66 13.27
C ALA A 376 -19.58 -12.71 12.76
N LYS A 377 -19.15 -11.56 12.25
CA LYS A 377 -20.09 -10.57 11.75
C LYS A 377 -20.76 -11.06 10.48
N ARG A 378 -20.04 -11.80 9.65
CA ARG A 378 -20.64 -12.35 8.45
C ARG A 378 -21.78 -13.27 8.83
N LYS A 379 -21.56 -14.11 9.84
CA LYS A 379 -22.62 -14.99 10.30
C LYS A 379 -23.84 -14.20 10.70
N GLU A 380 -23.64 -13.12 11.46
CA GLU A 380 -24.77 -12.32 11.91
C GLU A 380 -25.54 -11.74 10.74
N TYR A 381 -24.81 -11.23 9.74
CA TYR A 381 -25.48 -10.65 8.60
C TYR A 381 -26.36 -11.68 7.90
N PHE A 382 -25.81 -12.87 7.67
CA PHE A 382 -26.55 -13.89 6.95
C PHE A 382 -27.81 -14.26 7.72
N PHE A 383 -27.72 -14.39 9.04
CA PHE A 383 -28.90 -14.74 9.83
C PHE A 383 -29.93 -13.62 9.83
N LYS A 384 -29.49 -12.37 9.97
CA LYS A 384 -30.41 -11.25 10.01
C LYS A 384 -31.18 -11.11 8.69
N TYR A 385 -30.55 -11.52 7.59
CA TYR A 385 -31.17 -11.45 6.27
C TYR A 385 -32.40 -12.34 6.11
N PHE A 386 -32.49 -13.41 6.90
CA PHE A 386 -33.59 -14.36 6.70
C PHE A 386 -34.52 -14.43 7.92
N SER A 387 -35.80 -14.66 7.66
CA SER A 387 -36.77 -14.85 8.73
C SER A 387 -36.73 -16.26 9.28
N ASP A 388 -36.22 -17.18 8.45
CA ASP A 388 -36.12 -18.59 8.80
C ASP A 388 -34.69 -18.99 9.09
N GLU A 389 -34.40 -19.37 10.32
CA GLU A 389 -33.06 -19.72 10.70
C GLU A 389 -32.56 -20.91 9.89
N ALA A 390 -33.47 -21.83 9.54
CA ALA A 390 -33.07 -23.01 8.79
C ALA A 390 -32.54 -22.62 7.42
N GLN A 391 -33.12 -21.58 6.84
CA GLN A 391 -32.70 -21.12 5.52
C GLN A 391 -31.37 -20.41 5.63
N ALA A 392 -31.20 -19.63 6.69
CA ALA A 392 -29.95 -18.93 6.91
C ALA A 392 -28.82 -19.92 7.10
N ARG A 393 -29.10 -21.01 7.81
CA ARG A 393 -28.09 -22.02 8.06
C ARG A 393 -27.70 -22.74 6.77
N ALA A 394 -28.71 -23.08 5.95
CA ALA A 394 -28.42 -23.76 4.68
C ALA A 394 -27.61 -22.86 3.78
N ALA A 395 -27.95 -21.58 3.73
CA ALA A 395 -27.27 -20.64 2.87
C ALA A 395 -25.86 -20.37 3.37
N PHE A 396 -25.73 -20.22 4.69
CA PHE A 396 -24.41 -19.95 5.24
C PHE A 396 -23.49 -21.11 4.96
N SER A 397 -23.98 -22.33 5.19
CA SER A 397 -23.17 -23.52 5.00
C SER A 397 -22.67 -23.62 3.56
N LEU A 398 -23.57 -23.38 2.61
CA LEU A 398 -23.18 -23.42 1.20
C LEU A 398 -22.05 -22.44 0.92
N ILE A 399 -22.18 -21.22 1.40
CA ILE A 399 -21.17 -20.20 1.18
C ILE A 399 -19.88 -20.56 1.88
N GLN A 400 -19.98 -21.05 3.11
CA GLN A 400 -18.81 -21.41 3.90
C GLN A 400 -17.97 -22.48 3.19
N GLU A 401 -18.64 -23.43 2.52
CA GLU A 401 -17.93 -24.44 1.76
C GLU A 401 -17.12 -23.79 0.64
N ASN A 402 -17.71 -22.76 0.03
CA ASN A 402 -17.04 -22.03 -1.03
C ASN A 402 -16.10 -21.02 -0.39
N GLU A 403 -14.89 -21.47 -0.06
CA GLU A 403 -13.94 -20.65 0.67
C GLU A 403 -13.67 -19.33 -0.05
N VAL A 404 -13.59 -19.38 -1.37
CA VAL A 404 -13.30 -18.19 -2.16
C VAL A 404 -14.43 -17.17 -2.08
N LEU A 405 -15.66 -17.63 -2.23
CA LEU A 405 -16.81 -16.74 -2.14
C LEU A 405 -16.95 -16.17 -0.75
N PHE A 406 -16.72 -17.02 0.25
CA PHE A 406 -16.83 -16.60 1.64
C PHE A 406 -15.84 -15.50 1.92
N THR A 407 -14.63 -15.64 1.38
CA THR A 407 -13.61 -14.60 1.52
C THR A 407 -14.08 -13.29 0.91
N MET A 408 -14.64 -13.36 -0.30
CA MET A 408 -15.12 -12.15 -0.96
C MET A 408 -16.27 -11.51 -0.18
N CYS A 409 -17.06 -12.32 0.50
CA CYS A 409 -18.21 -11.83 1.26
C CYS A 409 -17.84 -10.93 2.43
N PHE A 410 -16.55 -10.70 2.68
CA PHE A 410 -16.16 -9.77 3.72
C PHE A 410 -16.63 -8.36 3.34
N ILE A 411 -16.86 -8.14 2.04
CA ILE A 411 -17.44 -6.90 1.54
C ILE A 411 -18.96 -7.00 1.58
N PRO A 412 -19.65 -6.15 2.35
CA PRO A 412 -21.08 -6.14 2.55
C PRO A 412 -21.85 -6.23 1.25
N LEU A 413 -21.40 -5.52 0.22
CA LEU A 413 -22.10 -5.59 -1.06
C LEU A 413 -22.08 -7.00 -1.64
N VAL A 414 -20.97 -7.70 -1.46
CA VAL A 414 -20.86 -9.03 -2.05
C VAL A 414 -21.80 -9.98 -1.34
N CYS A 415 -21.82 -9.92 -0.02
CA CYS A 415 -22.69 -10.83 0.71
C CYS A 415 -24.16 -10.49 0.43
N TRP A 416 -24.45 -9.21 0.18
CA TRP A 416 -25.80 -8.80 -0.18
C TRP A 416 -26.23 -9.43 -1.49
N ILE A 417 -25.35 -9.35 -2.49
CA ILE A 417 -25.65 -9.90 -3.81
C ILE A 417 -25.86 -11.40 -3.72
N VAL A 418 -25.00 -12.07 -2.97
CA VAL A 418 -25.11 -13.51 -2.82
C VAL A 418 -26.40 -13.90 -2.11
N CYS A 419 -26.72 -13.18 -1.03
CA CYS A 419 -27.93 -13.48 -0.28
C CYS A 419 -29.17 -13.32 -1.14
N THR A 420 -29.23 -12.24 -1.90
CA THR A 420 -30.39 -11.97 -2.74
C THR A 420 -30.53 -13.06 -3.79
N GLY A 421 -29.42 -13.44 -4.42
CA GLY A 421 -29.45 -14.47 -5.44
C GLY A 421 -29.96 -15.79 -4.88
N LEU A 422 -29.42 -16.21 -3.73
CA LEU A 422 -29.83 -17.46 -3.14
C LEU A 422 -31.29 -17.44 -2.73
N LYS A 423 -31.74 -16.31 -2.19
CA LYS A 423 -33.14 -16.20 -1.76
C LYS A 423 -34.07 -16.33 -2.96
N GLN A 424 -33.73 -15.66 -4.05
CA GLN A 424 -34.59 -15.67 -5.22
C GLN A 424 -34.74 -17.06 -5.82
N GLN A 425 -33.66 -17.85 -5.87
CA GLN A 425 -33.78 -19.20 -6.39
C GLN A 425 -34.42 -20.14 -5.36
N MET A 426 -34.21 -19.85 -4.08
CA MET A 426 -34.76 -20.68 -3.01
C MET A 426 -36.28 -20.68 -3.07
N GLU A 427 -36.85 -19.53 -3.37
CA GLU A 427 -38.30 -19.36 -3.47
C GLU A 427 -38.89 -20.15 -4.62
N SER A 428 -38.05 -20.57 -5.56
CA SER A 428 -38.49 -21.33 -6.72
C SER A 428 -38.29 -22.82 -6.52
N GLY A 429 -37.82 -23.19 -5.32
CA GLY A 429 -37.59 -24.60 -5.01
C GLY A 429 -36.26 -25.13 -5.56
N LYS A 430 -35.29 -24.23 -5.76
CA LYS A 430 -33.99 -24.65 -6.28
C LYS A 430 -33.10 -25.18 -5.17
N SER A 431 -32.01 -25.83 -5.57
CA SER A 431 -31.09 -26.49 -4.65
C SER A 431 -29.99 -25.57 -4.11
N LEU A 432 -30.14 -24.27 -4.36
CA LEU A 432 -29.17 -23.26 -3.93
C LEU A 432 -27.85 -23.42 -4.66
N ALA A 433 -27.88 -23.23 -5.98
CA ALA A 433 -26.66 -23.29 -6.77
C ALA A 433 -25.81 -22.07 -6.49
N GLN A 434 -24.49 -22.25 -6.48
CA GLN A 434 -23.55 -21.15 -6.30
C GLN A 434 -22.11 -21.64 -6.43
N THR A 435 -21.51 -21.39 -7.59
CA THR A 435 -20.15 -21.84 -7.88
C THR A 435 -19.20 -20.69 -8.18
N SER A 436 -19.62 -19.47 -7.87
CA SER A 436 -18.81 -18.30 -8.18
C SER A 436 -17.48 -18.28 -7.43
N LYS A 437 -16.42 -17.89 -8.13
CA LYS A 437 -15.09 -17.77 -7.53
C LYS A 437 -14.52 -16.36 -7.66
N THR A 438 -14.98 -15.63 -8.66
CA THR A 438 -14.45 -14.30 -8.94
C THR A 438 -15.53 -13.26 -8.73
N THR A 439 -15.13 -11.99 -8.70
CA THR A 439 -16.10 -10.93 -8.52
C THR A 439 -17.06 -10.92 -9.70
N THR A 440 -16.52 -11.09 -10.89
CA THR A 440 -17.34 -11.11 -12.09
C THR A 440 -18.35 -12.26 -12.01
N ALA A 441 -17.86 -13.42 -11.59
CA ALA A 441 -18.75 -14.58 -11.50
C ALA A 441 -19.93 -14.30 -10.60
N VAL A 442 -19.73 -13.55 -9.52
CA VAL A 442 -20.81 -13.22 -8.61
C VAL A 442 -21.86 -12.36 -9.30
N TYR A 443 -21.40 -11.34 -10.02
CA TYR A 443 -22.32 -10.44 -10.72
C TYR A 443 -23.02 -11.14 -11.89
N VAL A 444 -22.30 -12.00 -12.60
CA VAL A 444 -22.90 -12.73 -13.71
C VAL A 444 -23.95 -13.69 -13.16
N PHE A 445 -23.59 -14.40 -12.09
CA PHE A 445 -24.50 -15.32 -11.43
C PHE A 445 -25.78 -14.61 -11.01
N PHE A 446 -25.63 -13.47 -10.36
CA PHE A 446 -26.76 -12.68 -9.90
C PHE A 446 -27.68 -12.32 -11.05
N LEU A 447 -27.12 -11.74 -12.11
CA LEU A 447 -27.94 -11.32 -13.24
C LEU A 447 -28.54 -12.50 -13.96
N SER A 448 -27.80 -13.60 -14.02
CA SER A 448 -28.31 -14.80 -14.66
C SER A 448 -29.56 -15.30 -13.97
N SER A 449 -29.51 -15.41 -12.65
CA SER A 449 -30.65 -15.88 -11.89
C SER A 449 -31.80 -14.88 -11.92
N LEU A 450 -31.46 -13.60 -11.91
CA LEU A 450 -32.46 -12.54 -11.90
C LEU A 450 -33.20 -12.42 -13.25
N LEU A 451 -32.47 -12.40 -14.35
CA LEU A 451 -33.06 -12.14 -15.65
C LEU A 451 -33.54 -13.39 -16.37
N GLN A 452 -32.92 -14.54 -16.13
CA GLN A 452 -33.32 -15.75 -16.85
C GLN A 452 -34.81 -16.14 -16.73
N PRO A 453 -35.47 -16.09 -15.51
CA PRO A 453 -36.86 -16.47 -15.28
C PRO A 453 -37.83 -15.70 -16.17
N LEU A 462 -37.26 -9.62 -20.55
CA LEU A 462 -36.28 -10.01 -19.53
C LEU A 462 -34.88 -9.53 -19.93
N CYS A 463 -34.28 -10.18 -20.93
CA CYS A 463 -32.94 -9.86 -21.43
C CYS A 463 -32.98 -9.30 -22.85
N ALA A 464 -34.16 -9.24 -23.44
CA ALA A 464 -34.29 -8.78 -24.83
C ALA A 464 -33.78 -7.36 -24.97
N HIS A 465 -33.98 -6.55 -23.93
CA HIS A 465 -33.54 -5.17 -23.90
C HIS A 465 -32.21 -4.99 -23.18
N LEU A 466 -31.52 -6.10 -22.92
CA LEU A 466 -30.26 -6.03 -22.20
C LEU A 466 -29.25 -5.16 -22.93
N TRP A 467 -29.28 -5.18 -24.26
CA TRP A 467 -28.36 -4.35 -25.03
C TRP A 467 -28.60 -2.89 -24.70
N GLY A 468 -29.87 -2.49 -24.66
CA GLY A 468 -30.26 -1.13 -24.36
C GLY A 468 -29.81 -0.73 -22.96
N LEU A 469 -29.95 -1.65 -22.01
CA LEU A 469 -29.52 -1.39 -20.64
C LEU A 469 -28.01 -1.21 -20.59
N CYS A 470 -27.29 -2.05 -21.31
CA CYS A 470 -25.85 -1.96 -21.34
C CYS A 470 -25.41 -0.65 -21.97
N SER A 471 -26.13 -0.24 -23.02
CA SER A 471 -25.86 1.02 -23.68
C SER A 471 -26.09 2.18 -22.72
N LEU A 472 -27.19 2.12 -21.96
CA LEU A 472 -27.49 3.15 -20.99
C LEU A 472 -26.35 3.30 -20.00
N ALA A 473 -25.88 2.17 -19.47
CA ALA A 473 -24.80 2.21 -18.49
C ALA A 473 -23.53 2.77 -19.13
N ALA A 474 -23.22 2.33 -20.34
CA ALA A 474 -22.02 2.79 -21.03
C ALA A 474 -22.10 4.29 -21.29
N ASP A 475 -23.29 4.76 -21.65
CA ASP A 475 -23.49 6.17 -21.92
C ASP A 475 -23.25 6.96 -20.64
N GLY A 476 -23.80 6.46 -19.53
CA GLY A 476 -23.64 7.13 -18.25
C GLY A 476 -22.18 7.23 -17.83
N ILE A 477 -21.41 6.20 -18.12
CA ILE A 477 -20.00 6.23 -17.74
C ILE A 477 -19.23 7.27 -18.55
N TRP A 478 -19.47 7.31 -19.86
CA TRP A 478 -18.76 8.24 -20.73
C TRP A 478 -19.26 9.68 -20.64
N ASN A 479 -20.56 9.87 -20.38
CA ASN A 479 -21.15 11.20 -20.34
C ASN A 479 -21.33 11.72 -18.91
N GLN A 480 -20.69 11.04 -17.96
CA GLN A 480 -20.71 11.46 -16.57
C GLN A 480 -22.13 11.59 -15.99
N LYS A 481 -22.90 10.52 -16.07
CA LYS A 481 -24.25 10.50 -15.52
C LYS A 481 -24.52 9.25 -14.70
N ILE A 482 -24.94 9.45 -13.46
CA ILE A 482 -25.34 8.34 -12.59
C ILE A 482 -26.85 8.28 -12.50
N LEU A 483 -27.47 9.45 -12.37
CA LEU A 483 -28.91 9.55 -12.29
C LEU A 483 -29.49 9.75 -13.68
N PHE A 484 -30.58 9.06 -13.97
CA PHE A 484 -31.20 9.15 -15.28
C PHE A 484 -32.63 9.66 -15.18
N GLU A 485 -33.05 10.37 -16.22
CA GLU A 485 -34.44 10.82 -16.31
C GLU A 485 -35.21 9.83 -17.18
N GLU A 486 -36.54 9.85 -17.08
CA GLU A 486 -37.34 8.95 -17.89
C GLU A 486 -37.10 9.21 -19.38
N SER A 487 -36.73 10.44 -19.71
CA SER A 487 -36.40 10.80 -21.09
C SER A 487 -35.15 10.06 -21.56
N ASP A 488 -34.24 9.77 -20.64
CA ASP A 488 -32.99 9.10 -21.01
C ASP A 488 -33.26 7.63 -21.19
N LEU A 489 -34.21 7.11 -20.42
CA LEU A 489 -34.57 5.71 -20.55
C LEU A 489 -35.32 5.47 -21.86
N ARG A 490 -36.24 6.38 -22.19
CA ARG A 490 -37.00 6.26 -23.42
C ARG A 490 -36.10 6.30 -24.65
N ASN A 491 -35.05 7.12 -24.58
CA ASN A 491 -34.12 7.29 -25.68
C ASN A 491 -33.28 6.04 -25.93
N HIS A 492 -33.32 5.08 -25.01
CA HIS A 492 -32.59 3.84 -25.17
C HIS A 492 -33.53 2.69 -25.48
N GLY A 493 -34.79 3.01 -25.76
CA GLY A 493 -35.80 2.01 -26.07
C GLY A 493 -36.32 1.33 -24.81
N LEU A 494 -36.17 2.00 -23.68
CA LEU A 494 -36.59 1.46 -22.40
C LEU A 494 -37.79 2.22 -21.86
N GLN A 495 -38.99 1.68 -22.02
CA GLN A 495 -40.19 2.40 -21.62
C GLN A 495 -41.32 1.47 -21.19
N LYS A 496 -41.82 1.70 -19.99
CA LYS A 496 -42.96 0.94 -19.45
C LYS A 496 -42.77 -0.57 -19.54
N ALA A 497 -41.58 -1.04 -19.23
CA ALA A 497 -41.31 -2.47 -19.27
C ALA A 497 -40.17 -2.87 -18.34
N ASP A 498 -38.98 -2.35 -18.62
CA ASP A 498 -37.78 -2.77 -17.95
C ASP A 498 -37.75 -2.29 -16.52
N VAL A 499 -38.18 -1.05 -16.31
CA VAL A 499 -38.13 -0.49 -14.98
C VAL A 499 -38.97 -1.32 -14.03
N SER A 500 -40.17 -1.70 -14.46
CA SER A 500 -41.02 -2.51 -13.61
C SER A 500 -40.37 -3.86 -13.33
N ALA A 501 -39.79 -4.47 -14.36
CA ALA A 501 -39.14 -5.76 -14.22
C ALA A 501 -37.99 -5.69 -13.23
N PHE A 502 -37.30 -4.55 -13.21
CA PHE A 502 -36.12 -4.37 -12.38
C PHE A 502 -36.48 -3.92 -10.97
N LEU A 503 -37.78 -3.78 -10.70
CA LEU A 503 -38.24 -3.47 -9.37
C LEU A 503 -38.87 -4.71 -8.75
N ARG A 504 -39.53 -5.52 -9.59
CA ARG A 504 -40.08 -6.78 -9.09
C ARG A 504 -38.94 -7.64 -8.58
N MET A 505 -37.86 -7.67 -9.37
CA MET A 505 -36.61 -8.30 -8.94
C MET A 505 -35.52 -7.25 -8.97
N ASN A 506 -35.22 -6.71 -7.79
CA ASN A 506 -34.36 -5.54 -7.68
C ASN A 506 -33.08 -5.63 -8.49
N LEU A 507 -33.03 -4.87 -9.58
CA LEU A 507 -31.83 -4.71 -10.40
C LEU A 507 -31.51 -3.23 -10.58
N PHE A 508 -32.55 -2.42 -10.59
CA PHE A 508 -32.46 -1.01 -10.92
C PHE A 508 -33.43 -0.25 -10.02
N GLN A 509 -33.01 0.88 -9.48
CA GLN A 509 -33.84 1.56 -8.49
C GLN A 509 -34.36 2.90 -8.96
N LYS A 510 -35.49 3.30 -8.39
CA LYS A 510 -36.12 4.58 -8.71
C LYS A 510 -35.74 5.67 -7.71
N GLU A 511 -35.00 5.31 -6.66
CA GLU A 511 -34.63 6.27 -5.61
C GLU A 511 -35.83 7.11 -5.21
N VAL A 512 -36.89 6.45 -4.76
CA VAL A 512 -38.19 7.09 -4.50
C VAL A 512 -38.24 8.02 -3.30
N ASP A 513 -37.15 8.73 -3.03
CA ASP A 513 -37.12 9.68 -1.92
C ASP A 513 -37.66 11.02 -2.39
N CYS A 514 -38.96 11.03 -2.72
CA CYS A 514 -39.62 12.21 -3.26
C CYS A 514 -38.83 12.79 -4.42
N GLU A 515 -38.46 11.92 -5.37
CA GLU A 515 -37.62 12.29 -6.49
C GLU A 515 -37.99 11.48 -7.74
N LYS A 516 -37.66 12.00 -8.91
CA LYS A 516 -38.00 11.35 -10.18
C LYS A 516 -36.78 10.88 -10.98
N PHE A 517 -35.68 10.60 -10.30
CA PHE A 517 -34.48 10.09 -10.97
C PHE A 517 -34.33 8.60 -10.79
N TYR A 518 -33.74 7.95 -11.78
CA TYR A 518 -33.47 6.52 -11.71
C TYR A 518 -31.98 6.27 -11.65
N SER A 519 -31.60 5.13 -11.07
CA SER A 519 -30.19 4.78 -10.99
C SER A 519 -29.98 3.29 -10.80
N PHE A 520 -28.74 2.86 -10.94
CA PHE A 520 -28.38 1.47 -10.69
C PHE A 520 -28.26 1.24 -9.19
N ILE A 521 -28.35 -0.03 -8.77
CA ILE A 521 -28.25 -0.37 -7.36
C ILE A 521 -26.95 0.15 -6.76
N HIS A 522 -25.87 0.01 -7.52
CA HIS A 522 -24.56 0.44 -7.08
C HIS A 522 -23.71 0.77 -8.28
N MET A 523 -22.74 1.66 -8.10
CA MET A 523 -21.86 2.02 -9.20
C MET A 523 -21.16 0.80 -9.78
N THR A 524 -20.96 -0.21 -8.95
CA THR A 524 -20.30 -1.43 -9.40
C THR A 524 -21.16 -2.10 -10.48
N PHE A 525 -22.48 -2.06 -10.31
CA PHE A 525 -23.38 -2.66 -11.29
C PHE A 525 -23.37 -1.84 -12.57
N GLN A 526 -23.35 -0.52 -12.43
CA GLN A 526 -23.36 0.33 -13.61
C GLN A 526 -22.11 0.07 -14.44
N GLU A 527 -20.97 -0.04 -13.77
CA GLU A 527 -19.72 -0.32 -14.48
C GLU A 527 -19.75 -1.70 -15.11
N PHE A 528 -20.36 -2.67 -14.42
CA PHE A 528 -20.49 -4.02 -14.98
C PHE A 528 -21.21 -3.98 -16.31
N PHE A 529 -22.36 -3.30 -16.34
CA PHE A 529 -23.13 -3.26 -17.57
C PHE A 529 -22.38 -2.51 -18.65
N ALA A 530 -21.69 -1.44 -18.29
CA ALA A 530 -20.91 -0.70 -19.26
C ALA A 530 -19.84 -1.58 -19.90
N ALA A 531 -19.26 -2.45 -19.07
CA ALA A 531 -18.22 -3.38 -19.56
C ALA A 531 -18.83 -4.40 -20.48
N MET A 532 -20.03 -4.85 -20.17
CA MET A 532 -20.72 -5.85 -20.96
C MET A 532 -20.94 -5.34 -22.37
N TYR A 533 -21.20 -4.03 -22.47
CA TYR A 533 -21.47 -3.36 -23.73
C TYR A 533 -20.35 -3.52 -24.75
N TYR A 534 -19.14 -3.78 -24.29
CA TYR A 534 -18.00 -3.88 -25.18
C TYR A 534 -17.83 -5.27 -25.79
N LEU A 535 -18.61 -6.23 -25.31
CA LEU A 535 -18.51 -7.61 -25.81
C LEU A 535 -19.74 -8.05 -26.60
N LEU A 536 -20.63 -7.12 -26.91
CA LEU A 536 -21.86 -7.47 -27.60
C LEU A 536 -21.79 -7.21 -29.09
N GLU A 537 -22.57 -7.99 -29.86
CA GLU A 537 -22.74 -7.87 -31.31
C GLU A 537 -21.43 -7.58 -32.05
N LEU A 553 -24.28 5.13 -27.91
CA LEU A 553 -23.20 4.49 -28.66
C LEU A 553 -21.91 5.32 -28.54
N PRO A 554 -21.35 5.50 -27.30
CA PRO A 554 -20.25 6.39 -26.97
C PRO A 554 -18.89 6.01 -27.57
N SER A 555 -18.70 4.73 -27.91
CA SER A 555 -17.39 4.34 -28.44
C SER A 555 -17.40 2.96 -29.10
N ARG A 556 -17.61 1.93 -28.28
CA ARG A 556 -17.46 0.53 -28.67
C ARG A 556 -16.03 0.25 -29.07
N ASP A 557 -15.09 0.86 -28.36
CA ASP A 557 -13.67 0.66 -28.61
C ASP A 557 -12.88 0.52 -27.31
N VAL A 558 -12.34 -0.66 -27.10
CA VAL A 558 -11.60 -0.95 -25.88
C VAL A 558 -10.34 -0.10 -25.77
N THR A 559 -9.76 0.31 -26.89
CA THR A 559 -8.56 1.11 -26.83
C THR A 559 -8.85 2.43 -26.15
N VAL A 560 -9.94 3.06 -26.54
CA VAL A 560 -10.35 4.33 -25.97
C VAL A 560 -10.69 4.15 -24.50
N LEU A 561 -11.35 3.05 -24.19
CA LEU A 561 -11.71 2.75 -22.82
C LEU A 561 -10.49 2.65 -21.91
N LEU A 562 -9.49 1.90 -22.35
CA LEU A 562 -8.29 1.68 -21.55
C LEU A 562 -7.44 2.94 -21.40
N GLU A 563 -7.36 3.75 -22.45
CA GLU A 563 -6.54 4.95 -22.42
C GLU A 563 -6.99 5.95 -21.36
N ASN A 564 -8.26 5.89 -20.98
CA ASN A 564 -8.82 6.80 -20.00
C ASN A 564 -8.99 6.16 -18.62
N TYR A 565 -8.38 4.99 -18.45
CA TYR A 565 -8.53 4.20 -17.22
C TYR A 565 -8.24 4.97 -15.95
N GLY A 566 -7.13 5.69 -15.91
CA GLY A 566 -6.72 6.31 -14.65
C GLY A 566 -7.33 7.69 -14.42
N LYS A 567 -8.23 8.12 -15.31
CA LYS A 567 -8.76 9.47 -15.20
C LYS A 567 -9.95 9.58 -14.23
N PHE A 568 -9.85 10.55 -13.34
CA PHE A 568 -10.93 10.89 -12.41
C PHE A 568 -12.22 11.17 -13.16
N GLU A 569 -12.07 11.91 -14.25
CA GLU A 569 -13.19 12.37 -15.05
C GLU A 569 -14.10 11.24 -15.55
N LYS A 570 -13.57 10.02 -15.66
CA LYS A 570 -14.35 8.91 -16.16
C LYS A 570 -14.70 7.93 -15.04
N GLY A 571 -14.38 8.31 -13.80
CA GLY A 571 -14.67 7.49 -12.64
C GLY A 571 -13.66 6.37 -12.45
N TYR A 572 -12.47 6.53 -13.05
CA TYR A 572 -11.38 5.55 -12.98
C TYR A 572 -11.65 4.24 -13.72
N LEU A 573 -12.89 4.02 -14.15
CA LEU A 573 -13.23 2.85 -14.95
C LEU A 573 -12.67 1.55 -14.37
N ILE A 574 -12.55 1.47 -13.06
CA ILE A 574 -11.90 0.32 -12.44
C ILE A 574 -12.69 -0.94 -12.63
N PHE A 575 -13.98 -0.87 -12.39
CA PHE A 575 -14.79 -2.07 -12.50
C PHE A 575 -15.15 -2.32 -13.95
N VAL A 576 -15.21 -1.27 -14.75
CA VAL A 576 -15.53 -1.49 -16.15
C VAL A 576 -14.47 -2.40 -16.76
N VAL A 577 -13.20 -2.09 -16.51
CA VAL A 577 -12.14 -2.91 -17.04
C VAL A 577 -12.00 -4.23 -16.27
N ARG A 578 -12.04 -4.18 -14.94
CA ARG A 578 -11.93 -5.41 -14.18
C ARG A 578 -12.97 -6.43 -14.60
N PHE A 579 -14.20 -5.98 -14.82
CA PHE A 579 -15.24 -6.88 -15.28
C PHE A 579 -14.98 -7.29 -16.72
N LEU A 580 -14.52 -6.35 -17.55
CA LEU A 580 -14.22 -6.69 -18.94
C LEU A 580 -13.23 -7.86 -18.98
N PHE A 581 -12.25 -7.87 -18.08
CA PHE A 581 -11.33 -8.99 -18.00
C PHE A 581 -12.06 -10.26 -17.63
N GLY A 582 -12.88 -10.19 -16.59
CA GLY A 582 -13.61 -11.35 -16.09
C GLY A 582 -14.58 -11.93 -17.12
N LEU A 583 -15.12 -11.08 -17.97
CA LEU A 583 -16.10 -11.50 -18.97
C LEU A 583 -15.46 -12.15 -20.19
N VAL A 584 -14.13 -12.16 -20.24
CA VAL A 584 -13.43 -12.78 -21.36
C VAL A 584 -12.86 -14.13 -20.94
N ASN A 585 -13.37 -15.19 -21.54
CA ASN A 585 -12.95 -16.54 -21.23
C ASN A 585 -13.42 -17.52 -22.29
N GLN A 586 -13.06 -18.79 -22.13
CA GLN A 586 -13.56 -19.85 -22.98
C GLN A 586 -14.52 -20.75 -22.20
N GLU A 587 -14.33 -20.79 -20.87
CA GLU A 587 -15.15 -21.65 -20.03
C GLU A 587 -16.45 -20.96 -19.68
N ARG A 588 -17.30 -20.81 -20.69
CA ARG A 588 -18.56 -20.09 -20.55
C ARG A 588 -19.73 -20.97 -20.97
N THR A 589 -20.93 -20.61 -20.52
CA THR A 589 -22.11 -21.39 -20.81
C THR A 589 -23.25 -20.50 -21.30
N SER A 590 -24.49 -20.94 -21.07
CA SER A 590 -25.67 -20.21 -21.48
C SER A 590 -25.98 -19.11 -20.47
N TYR A 591 -27.22 -18.65 -20.48
CA TYR A 591 -27.67 -17.64 -19.53
C TYR A 591 -26.99 -16.30 -19.70
N LEU A 592 -27.47 -15.51 -20.66
CA LEU A 592 -27.03 -14.14 -20.92
C LEU A 592 -25.65 -14.05 -21.58
N GLU A 593 -24.64 -14.65 -20.98
CA GLU A 593 -23.26 -14.53 -21.49
C GLU A 593 -23.10 -15.17 -22.88
N LYS A 594 -24.08 -15.98 -23.28
CA LYS A 594 -24.07 -16.62 -24.59
C LYS A 594 -24.26 -15.61 -25.70
N LYS A 595 -24.69 -14.41 -25.35
CA LYS A 595 -24.98 -13.39 -26.34
C LYS A 595 -23.74 -12.59 -26.73
N LEU A 596 -22.61 -12.95 -26.15
CA LEU A 596 -21.37 -12.24 -26.42
C LEU A 596 -20.69 -12.79 -27.65
N SER A 597 -20.11 -11.91 -28.46
CA SER A 597 -19.48 -12.32 -29.70
C SER A 597 -18.08 -12.87 -29.50
N CYS A 598 -17.81 -14.01 -30.14
CA CYS A 598 -16.51 -14.66 -30.01
C CYS A 598 -15.40 -13.81 -30.60
N LYS A 599 -15.63 -13.26 -31.80
CA LYS A 599 -14.59 -12.49 -32.46
C LYS A 599 -14.20 -11.27 -31.64
N ILE A 600 -15.21 -10.61 -31.05
CA ILE A 600 -14.91 -9.44 -30.25
C ILE A 600 -14.12 -9.84 -29.02
N SER A 601 -14.55 -10.91 -28.35
CA SER A 601 -13.89 -11.34 -27.13
C SER A 601 -12.42 -11.66 -27.38
N GLN A 602 -12.14 -12.33 -28.49
CA GLN A 602 -10.76 -12.67 -28.83
C GLN A 602 -9.93 -11.41 -29.03
N GLN A 603 -10.50 -10.42 -29.71
CA GLN A 603 -9.80 -9.16 -29.94
C GLN A 603 -9.56 -8.42 -28.65
N ILE A 604 -10.55 -8.44 -27.76
CA ILE A 604 -10.40 -7.79 -26.46
C ILE A 604 -9.28 -8.46 -25.67
N ARG A 605 -9.26 -9.79 -25.68
CA ARG A 605 -8.23 -10.52 -24.96
C ARG A 605 -6.83 -10.05 -25.38
N LEU A 606 -6.61 -9.95 -26.69
CA LEU A 606 -5.31 -9.54 -27.17
C LEU A 606 -4.97 -8.12 -26.77
N GLU A 607 -5.95 -7.22 -26.83
CA GLU A 607 -5.72 -5.84 -26.46
C GLU A 607 -5.44 -5.70 -24.96
N LEU A 608 -6.14 -6.50 -24.15
CA LEU A 608 -5.93 -6.46 -22.72
C LEU A 608 -4.54 -6.95 -22.36
N LEU A 609 -4.04 -7.95 -23.09
CA LEU A 609 -2.71 -8.47 -22.81
C LEU A 609 -1.65 -7.42 -23.12
N LYS A 610 -1.81 -6.72 -24.24
CA LYS A 610 -0.88 -5.66 -24.61
C LYS A 610 -0.91 -4.54 -23.57
N TRP A 611 -2.10 -4.24 -23.07
CA TRP A 611 -2.28 -3.22 -22.05
C TRP A 611 -1.49 -3.58 -20.81
N ILE A 612 -1.57 -4.84 -20.38
CA ILE A 612 -0.83 -5.29 -19.22
C ILE A 612 0.66 -5.11 -19.41
N GLU A 613 1.17 -5.50 -20.58
CA GLU A 613 2.60 -5.37 -20.85
C GLU A 613 3.07 -3.94 -20.65
N VAL A 614 2.32 -2.99 -21.20
CA VAL A 614 2.71 -1.59 -21.10
C VAL A 614 2.67 -1.07 -19.67
N LYS A 615 1.60 -1.41 -18.95
CA LYS A 615 1.44 -0.90 -17.60
C LYS A 615 2.39 -1.58 -16.63
N ALA A 616 2.69 -2.86 -16.88
CA ALA A 616 3.62 -3.60 -16.03
C ALA A 616 5.03 -3.03 -16.14
N LYS A 617 5.43 -2.63 -17.36
CA LYS A 617 6.75 -2.04 -17.58
C LYS A 617 6.85 -0.64 -16.98
N ALA A 618 5.77 0.13 -17.08
CA ALA A 618 5.76 1.50 -16.59
C ALA A 618 5.62 1.53 -15.08
N LYS A 619 6.70 1.14 -14.40
CA LYS A 619 6.68 1.03 -12.95
C LYS A 619 6.84 2.37 -12.26
N LYS A 620 5.73 3.10 -12.15
CA LYS A 620 5.71 4.43 -11.55
C LYS A 620 4.67 4.48 -10.43
N LEU A 621 4.80 5.43 -9.52
CA LEU A 621 3.82 5.56 -8.45
C LEU A 621 2.63 6.37 -8.90
N GLN A 622 1.46 5.75 -8.89
CA GLN A 622 0.23 6.34 -9.41
C GLN A 622 -0.97 5.45 -9.08
N ILE A 623 -2.18 6.00 -9.16
CA ILE A 623 -3.38 5.22 -8.89
C ILE A 623 -3.70 4.20 -9.98
N GLN A 624 -3.36 4.50 -11.23
CA GLN A 624 -3.59 3.54 -12.30
C GLN A 624 -2.73 2.32 -11.94
N PRO A 625 -2.73 1.21 -12.70
CA PRO A 625 -2.20 -0.07 -12.28
C PRO A 625 -0.83 0.08 -11.65
N SER A 626 -0.68 -0.47 -10.44
CA SER A 626 0.54 -0.39 -9.64
C SER A 626 0.97 -1.75 -9.11
N GLN A 627 0.92 -2.76 -9.97
CA GLN A 627 1.35 -4.13 -9.66
C GLN A 627 0.44 -4.87 -8.66
N LEU A 628 -0.59 -4.25 -8.07
CA LEU A 628 -1.52 -5.07 -7.21
C LEU A 628 -2.80 -5.17 -8.00
N GLU A 629 -3.15 -4.11 -8.73
CA GLU A 629 -4.44 -4.11 -9.44
C GLU A 629 -4.25 -4.83 -10.74
N LEU A 630 -3.07 -4.78 -11.33
CA LEU A 630 -2.95 -5.57 -12.57
C LEU A 630 -3.14 -7.01 -12.17
N PHE A 631 -2.97 -7.31 -10.89
CA PHE A 631 -3.11 -8.70 -10.41
C PHE A 631 -4.59 -9.02 -10.31
N TYR A 632 -5.35 -8.23 -9.56
CA TYR A 632 -6.76 -8.61 -9.38
C TYR A 632 -7.34 -8.71 -10.78
N CYS A 633 -7.02 -7.75 -11.65
CA CYS A 633 -7.65 -7.74 -12.99
C CYS A 633 -7.17 -8.94 -13.76
N LEU A 634 -6.33 -9.77 -13.16
CA LEU A 634 -5.92 -11.02 -13.83
C LEU A 634 -6.71 -12.12 -13.13
N TYR A 635 -6.77 -12.09 -11.81
CA TYR A 635 -7.46 -13.17 -11.05
C TYR A 635 -8.79 -13.37 -11.71
N GLU A 636 -9.42 -12.27 -12.06
CA GLU A 636 -10.79 -12.37 -12.57
C GLU A 636 -10.88 -13.24 -13.81
N MET A 637 -9.78 -13.38 -14.55
CA MET A 637 -9.75 -14.21 -15.74
C MET A 637 -8.98 -15.49 -15.46
N GLN A 638 -9.66 -16.51 -14.94
CA GLN A 638 -9.00 -17.75 -14.54
C GLN A 638 -8.64 -18.62 -15.73
N GLU A 639 -7.69 -18.14 -16.52
CA GLU A 639 -7.19 -18.87 -17.68
C GLU A 639 -5.68 -18.97 -17.58
N GLU A 640 -5.17 -20.20 -17.52
CA GLU A 640 -3.75 -20.41 -17.30
C GLU A 640 -2.89 -19.81 -18.39
N ASP A 641 -3.32 -19.91 -19.64
CA ASP A 641 -2.51 -19.41 -20.73
C ASP A 641 -2.40 -17.89 -20.68
N PHE A 642 -3.53 -17.22 -20.47
CA PHE A 642 -3.54 -15.77 -20.44
C PHE A 642 -2.74 -15.25 -19.26
N VAL A 643 -2.96 -15.82 -18.08
CA VAL A 643 -2.27 -15.34 -16.90
C VAL A 643 -0.77 -15.55 -17.03
N GLN A 644 -0.35 -16.72 -17.50
CA GLN A 644 1.08 -16.96 -17.62
C GLN A 644 1.72 -16.00 -18.61
N ARG A 645 1.04 -15.74 -19.74
CA ARG A 645 1.58 -14.81 -20.71
C ARG A 645 1.73 -13.43 -20.09
N ALA A 646 0.75 -13.03 -19.30
CA ALA A 646 0.81 -11.74 -18.64
C ALA A 646 1.95 -11.70 -17.63
N MET A 647 2.12 -12.79 -16.88
CA MET A 647 3.14 -12.83 -15.83
C MET A 647 4.56 -12.76 -16.37
N ASP A 648 4.75 -13.12 -17.63
CA ASP A 648 6.08 -13.01 -18.24
C ASP A 648 6.55 -11.56 -18.33
N TYR A 649 5.65 -10.62 -18.09
CA TYR A 649 6.00 -9.20 -18.13
C TYR A 649 6.22 -8.64 -16.72
N PHE A 650 6.27 -9.53 -15.74
CA PHE A 650 6.47 -9.14 -14.35
C PHE A 650 7.71 -9.76 -13.71
N PRO A 651 8.92 -9.29 -14.04
CA PRO A 651 10.18 -9.77 -13.50
C PRO A 651 10.33 -9.40 -12.02
N LYS A 652 9.59 -8.38 -11.60
CA LYS A 652 9.62 -7.92 -10.22
C LYS A 652 8.22 -7.67 -9.71
N ILE A 653 7.97 -8.03 -8.46
CA ILE A 653 6.70 -7.76 -7.82
C ILE A 653 6.88 -6.98 -6.53
N GLU A 654 6.34 -5.77 -6.46
CA GLU A 654 6.43 -4.96 -5.26
C GLU A 654 5.03 -4.56 -4.80
N ILE A 655 4.50 -5.28 -3.83
CA ILE A 655 3.10 -5.07 -3.45
C ILE A 655 2.89 -4.91 -1.95
N ASN A 656 1.76 -4.32 -1.60
CA ASN A 656 1.33 -4.17 -0.22
C ASN A 656 -0.01 -4.84 0.00
N LEU A 657 -0.05 -5.82 0.89
CA LEU A 657 -1.25 -6.58 1.15
C LEU A 657 -2.00 -6.02 2.34
N SER A 658 -3.24 -5.59 2.13
CA SER A 658 -4.03 -4.95 3.18
C SER A 658 -4.98 -5.94 3.84
N THR A 659 -5.70 -6.69 3.02
CA THR A 659 -6.71 -7.61 3.54
C THR A 659 -6.62 -9.00 2.95
N ARG A 660 -7.45 -9.90 3.47
CA ARG A 660 -7.46 -11.29 3.03
C ARG A 660 -7.66 -11.40 1.53
N MET A 661 -8.44 -10.48 0.98
CA MET A 661 -8.73 -10.47 -0.45
C MET A 661 -7.46 -10.24 -1.27
N ASP A 662 -6.50 -9.51 -0.70
CA ASP A 662 -5.26 -9.23 -1.43
C ASP A 662 -4.37 -10.44 -1.36
N HIS A 663 -4.43 -11.15 -0.24
CA HIS A 663 -3.64 -12.35 -0.07
C HIS A 663 -4.13 -13.43 -1.03
N MET A 664 -5.44 -13.53 -1.18
CA MET A 664 -6.01 -14.51 -2.08
C MET A 664 -5.59 -14.26 -3.52
N VAL A 665 -5.68 -13.00 -3.95
CA VAL A 665 -5.30 -12.63 -5.30
C VAL A 665 -3.80 -12.75 -5.53
N SER A 666 -3.03 -12.25 -4.57
CA SER A 666 -1.57 -12.30 -4.67
C SER A 666 -1.09 -13.74 -4.74
N SER A 667 -1.67 -14.60 -3.91
CA SER A 667 -1.30 -16.01 -3.90
C SER A 667 -1.51 -16.64 -5.26
N PHE A 668 -2.68 -16.41 -5.85
CA PHE A 668 -2.95 -16.94 -7.17
C PHE A 668 -1.93 -16.47 -8.19
N CYS A 669 -1.70 -15.17 -8.21
CA CYS A 669 -0.82 -14.59 -9.20
C CYS A 669 0.62 -15.05 -9.07
N ILE A 670 1.16 -15.02 -7.86
CA ILE A 670 2.53 -15.42 -7.64
C ILE A 670 2.72 -16.90 -7.92
N GLU A 671 1.75 -17.73 -7.52
CA GLU A 671 1.84 -19.16 -7.75
C GLU A 671 1.99 -19.48 -9.24
N ASN A 672 1.35 -18.68 -10.09
CA ASN A 672 1.38 -18.90 -11.52
C ASN A 672 2.50 -18.16 -12.23
N CYS A 673 3.42 -17.57 -11.46
CA CYS A 673 4.54 -16.86 -12.04
C CYS A 673 5.75 -17.77 -12.26
N HIS A 674 6.41 -17.59 -13.39
CA HIS A 674 7.60 -18.38 -13.70
C HIS A 674 8.86 -17.54 -13.85
N ARG A 675 8.71 -16.23 -14.08
CA ARG A 675 9.85 -15.38 -14.37
C ARG A 675 10.04 -14.23 -13.39
N VAL A 676 9.52 -14.38 -12.18
CA VAL A 676 9.74 -13.38 -11.15
C VAL A 676 11.07 -13.61 -10.46
N GLU A 677 11.93 -12.62 -10.49
CA GLU A 677 13.24 -12.76 -9.85
C GLU A 677 13.26 -12.11 -8.48
N SER A 678 12.54 -11.01 -8.33
CA SER A 678 12.56 -10.27 -7.07
C SER A 678 11.16 -9.93 -6.57
N LEU A 679 10.87 -10.36 -5.35
CA LEU A 679 9.57 -10.15 -4.73
C LEU A 679 9.68 -9.38 -3.42
N SER A 680 8.86 -8.35 -3.27
CA SER A 680 8.79 -7.59 -2.03
C SER A 680 7.38 -7.59 -1.48
N LEU A 681 7.23 -8.11 -0.27
CA LEU A 681 5.91 -8.21 0.36
C LEU A 681 5.80 -7.29 1.56
N GLY A 682 5.23 -6.12 1.35
CA GLY A 682 5.10 -5.13 2.41
C GLY A 682 3.81 -5.37 3.18
N PHE A 683 3.79 -6.43 3.97
CA PHE A 683 2.59 -6.80 4.70
C PHE A 683 2.10 -5.67 5.58
N LEU A 684 0.80 -5.37 5.50
CA LEU A 684 0.22 -4.33 6.33
C LEU A 684 -0.55 -4.97 7.47
N HIS A 685 -0.87 -4.19 8.49
CA HIS A 685 -1.64 -4.71 9.62
C HIS A 685 -2.99 -5.22 9.14
N ASN A 686 -3.40 -6.39 9.66
CA ASN A 686 -4.68 -7.02 9.33
C ASN A 686 -5.74 -6.66 10.37
N LEU A 725 1.14 -8.22 11.36
CA LEU A 725 0.61 -9.58 11.21
C LEU A 725 0.36 -10.23 12.57
N THR A 726 1.44 -10.73 13.22
CA THR A 726 1.39 -11.45 14.49
C THR A 726 0.36 -12.58 14.50
N SER A 727 0.31 -13.32 13.39
CA SER A 727 -0.62 -14.43 13.26
C SER A 727 -0.18 -15.37 12.14
N SER A 728 -0.91 -16.48 11.99
CA SER A 728 -0.66 -17.46 10.94
C SER A 728 -1.30 -17.05 9.62
N PHE A 729 -1.95 -15.88 9.61
CA PHE A 729 -2.66 -15.36 8.47
C PHE A 729 -1.83 -15.39 7.17
N CYS A 730 -0.59 -14.91 7.28
CA CYS A 730 0.31 -14.80 6.14
C CYS A 730 0.76 -16.15 5.58
N ARG A 731 0.51 -17.22 6.32
CA ARG A 731 0.92 -18.56 5.90
C ARG A 731 0.43 -18.88 4.50
N GLY A 732 -0.75 -18.35 4.16
CA GLY A 732 -1.38 -18.61 2.87
C GLY A 732 -0.51 -18.21 1.69
N LEU A 733 0.37 -17.22 1.88
CA LEU A 733 1.22 -16.77 0.78
C LEU A 733 2.63 -17.34 0.88
N PHE A 734 3.15 -17.49 2.09
CA PHE A 734 4.51 -17.97 2.21
C PHE A 734 4.64 -19.37 1.62
N SER A 735 3.60 -20.17 1.78
CA SER A 735 3.56 -21.54 1.26
C SER A 735 3.62 -21.58 -0.27
N VAL A 736 3.40 -20.44 -0.91
CA VAL A 736 3.45 -20.31 -2.35
C VAL A 736 4.89 -20.03 -2.79
N LEU A 737 5.59 -19.24 -1.99
CA LEU A 737 6.94 -18.86 -2.34
C LEU A 737 7.84 -20.07 -2.42
N SER A 738 7.57 -21.06 -1.57
CA SER A 738 8.36 -22.29 -1.51
C SER A 738 8.29 -23.12 -2.79
N THR A 739 7.33 -22.84 -3.67
CA THR A 739 7.20 -23.62 -4.88
C THR A 739 7.76 -22.89 -6.09
N SER A 740 8.27 -21.68 -5.86
CA SER A 740 8.85 -20.90 -6.94
C SER A 740 10.15 -21.52 -7.42
N GLN A 741 10.36 -21.49 -8.73
CA GLN A 741 11.57 -22.09 -9.29
C GLN A 741 12.59 -21.03 -9.68
N SER A 742 12.14 -19.80 -9.84
CA SER A 742 13.01 -18.74 -10.31
C SER A 742 13.20 -17.57 -9.33
N LEU A 743 12.39 -17.52 -8.27
CA LEU A 743 12.53 -16.40 -7.33
C LEU A 743 13.91 -16.41 -6.72
N THR A 744 14.59 -15.27 -6.74
CA THR A 744 15.93 -15.17 -6.19
C THR A 744 15.97 -14.30 -4.94
N GLU A 745 15.30 -13.15 -4.99
CA GLU A 745 15.36 -12.20 -3.89
C GLU A 745 14.02 -12.01 -3.21
N LEU A 746 14.00 -12.23 -1.91
CA LEU A 746 12.79 -12.03 -1.12
C LEU A 746 12.99 -10.88 -0.13
N ASP A 747 12.20 -9.84 -0.29
CA ASP A 747 12.30 -8.65 0.55
C ASP A 747 11.10 -8.53 1.49
N LEU A 748 11.36 -8.66 2.78
CA LEU A 748 10.30 -8.63 3.76
C LEU A 748 10.52 -7.50 4.75
N SER A 749 11.15 -6.43 4.27
CA SER A 749 11.47 -5.29 5.11
C SER A 749 10.26 -4.42 5.46
N ASP A 750 10.44 -3.60 6.48
CA ASP A 750 9.47 -2.59 6.90
C ASP A 750 8.06 -3.12 7.17
N ASN A 751 7.94 -4.25 7.84
CA ASN A 751 6.63 -4.77 8.20
C ASN A 751 6.74 -5.60 9.46
N SER A 752 5.63 -5.76 10.18
CA SER A 752 5.65 -6.47 11.46
C SER A 752 5.62 -7.99 11.32
N LEU A 753 6.67 -8.53 10.72
CA LEU A 753 6.80 -9.97 10.60
C LEU A 753 7.47 -10.49 11.86
N GLY A 754 6.73 -10.38 12.97
CA GLY A 754 7.27 -10.70 14.28
C GLY A 754 7.43 -12.19 14.47
N ASP A 755 7.78 -12.60 15.70
CA ASP A 755 8.11 -13.98 16.00
C ASP A 755 7.37 -15.05 15.16
N PRO A 756 6.03 -15.16 15.22
CA PRO A 756 5.25 -16.16 14.50
C PRO A 756 5.36 -16.01 12.98
N GLY A 757 5.68 -14.81 12.53
CA GLY A 757 5.85 -14.53 11.11
C GLY A 757 7.16 -15.13 10.64
N MET A 758 8.19 -14.91 11.46
CA MET A 758 9.49 -15.45 11.17
C MET A 758 9.44 -16.97 11.24
N ARG A 759 8.63 -17.51 12.14
CA ARG A 759 8.54 -18.94 12.31
C ARG A 759 7.94 -19.62 11.08
N VAL A 760 6.85 -19.08 10.53
CA VAL A 760 6.25 -19.69 9.35
C VAL A 760 7.17 -19.54 8.16
N LEU A 761 7.87 -18.42 8.08
CA LEU A 761 8.84 -18.22 7.01
C LEU A 761 9.99 -19.21 7.14
N CYS A 762 10.48 -19.42 8.37
CA CYS A 762 11.57 -20.36 8.55
C CYS A 762 11.17 -21.75 8.10
N GLU A 763 9.94 -22.17 8.37
CA GLU A 763 9.48 -23.47 7.89
C GLU A 763 9.49 -23.47 6.37
N THR A 764 9.03 -22.36 5.79
CA THR A 764 8.93 -22.18 4.35
C THR A 764 10.31 -22.30 3.69
N LEU A 765 11.31 -21.72 4.33
CA LEU A 765 12.66 -21.68 3.79
C LEU A 765 13.40 -23.01 3.93
N GLN A 766 12.80 -23.99 4.59
CA GLN A 766 13.42 -25.30 4.70
C GLN A 766 12.92 -26.24 3.62
N HIS A 767 12.00 -25.76 2.80
CA HIS A 767 11.46 -26.56 1.71
C HIS A 767 12.57 -26.83 0.70
N PRO A 768 12.72 -28.07 0.20
CA PRO A 768 13.73 -28.49 -0.75
C PRO A 768 13.68 -27.72 -2.06
N GLY A 769 12.52 -27.15 -2.37
CA GLY A 769 12.32 -26.40 -3.61
C GLY A 769 12.35 -24.90 -3.39
N CYS A 770 12.81 -24.46 -2.22
CA CYS A 770 12.81 -23.04 -1.87
C CYS A 770 13.48 -22.17 -2.93
N ASN A 771 14.75 -22.45 -3.20
CA ASN A 771 15.53 -21.77 -4.24
C ASN A 771 15.76 -20.28 -4.02
N ILE A 772 15.48 -19.78 -2.83
CA ILE A 772 15.72 -18.37 -2.52
C ILE A 772 17.18 -18.15 -2.16
N ARG A 773 17.78 -17.12 -2.74
CA ARG A 773 19.19 -16.83 -2.51
C ARG A 773 19.38 -15.69 -1.50
N ARG A 774 18.53 -14.68 -1.57
CA ARG A 774 18.71 -13.54 -0.69
C ARG A 774 17.49 -13.29 0.18
N LEU A 775 17.69 -13.34 1.49
CA LEU A 775 16.61 -13.08 2.44
C LEU A 775 16.81 -11.77 3.15
N TRP A 776 16.19 -10.72 2.63
CA TRP A 776 16.41 -9.38 3.15
C TRP A 776 15.36 -8.98 4.18
N LEU A 777 15.50 -9.53 5.39
CA LEU A 777 14.61 -9.15 6.48
C LEU A 777 14.96 -7.73 6.92
N GLY A 778 13.97 -6.97 7.34
CA GLY A 778 14.21 -5.61 7.80
C GLY A 778 13.75 -5.44 9.22
N ARG A 779 13.11 -4.31 9.52
CA ARG A 779 12.62 -4.02 10.86
C ARG A 779 11.43 -4.90 11.18
N CYS A 780 11.69 -6.19 11.33
CA CYS A 780 10.67 -7.19 11.55
C CYS A 780 10.32 -7.36 13.02
N GLY A 781 11.10 -6.74 13.89
CA GLY A 781 10.88 -6.86 15.32
C GLY A 781 11.32 -8.24 15.81
N LEU A 782 12.36 -8.78 15.20
CA LEU A 782 12.81 -10.11 15.58
C LEU A 782 13.30 -10.06 17.01
N SER A 783 12.95 -11.08 17.78
CA SER A 783 13.34 -11.16 19.18
C SER A 783 14.40 -12.20 19.44
N HIS A 784 14.60 -12.48 20.72
CA HIS A 784 15.63 -13.41 21.16
C HIS A 784 15.35 -14.85 20.77
N GLU A 785 14.10 -15.25 20.88
CA GLU A 785 13.75 -16.65 20.64
C GLU A 785 13.60 -16.99 19.16
N CYS A 786 13.09 -16.05 18.37
CA CYS A 786 12.79 -16.33 16.97
C CYS A 786 14.07 -16.55 16.17
N CYS A 787 15.18 -16.06 16.69
CA CYS A 787 16.47 -16.20 16.03
C CYS A 787 16.85 -17.67 15.95
N PHE A 788 16.31 -18.47 16.85
CA PHE A 788 16.56 -19.90 16.86
C PHE A 788 16.09 -20.50 15.55
N ASP A 789 14.88 -20.11 15.13
CA ASP A 789 14.29 -20.63 13.92
C ASP A 789 15.09 -20.19 12.70
N ILE A 790 15.68 -19.00 12.76
CA ILE A 790 16.52 -18.54 11.65
C ILE A 790 17.75 -19.44 11.54
N SER A 791 18.35 -19.77 12.67
CA SER A 791 19.51 -20.64 12.70
C SER A 791 19.21 -21.99 12.03
N LEU A 792 17.99 -22.49 12.23
CA LEU A 792 17.58 -23.77 11.67
C LEU A 792 17.45 -23.71 10.15
N VAL A 793 17.41 -22.51 9.59
CA VAL A 793 17.34 -22.37 8.15
C VAL A 793 18.76 -22.41 7.60
N LEU A 794 19.66 -21.67 8.25
CA LEU A 794 21.04 -21.59 7.80
C LEU A 794 21.74 -22.94 7.81
N SER A 795 21.42 -23.76 8.81
CA SER A 795 22.05 -25.06 8.96
C SER A 795 21.49 -26.12 8.00
N SER A 796 20.40 -25.80 7.30
CA SER A 796 19.74 -26.77 6.43
C SER A 796 19.69 -26.31 4.98
N ASN A 797 19.27 -25.06 4.76
CA ASN A 797 19.13 -24.51 3.42
C ASN A 797 20.50 -24.34 2.78
N GLN A 798 20.70 -24.99 1.65
CA GLN A 798 21.99 -25.04 0.98
C GLN A 798 22.19 -23.93 -0.04
N LYS A 799 21.15 -23.15 -0.30
CA LYS A 799 21.21 -22.16 -1.36
C LYS A 799 21.27 -20.72 -0.87
N LEU A 800 20.80 -20.46 0.34
CA LEU A 800 20.76 -19.09 0.85
C LEU A 800 22.17 -18.50 0.90
N VAL A 801 22.34 -17.31 0.30
CA VAL A 801 23.63 -16.64 0.23
C VAL A 801 23.71 -15.39 1.12
N GLU A 802 22.65 -14.59 1.12
CA GLU A 802 22.68 -13.35 1.89
C GLU A 802 21.60 -13.34 2.96
N LEU A 803 21.91 -12.76 4.10
CA LEU A 803 20.95 -12.61 5.18
C LEU A 803 21.10 -11.26 5.85
N ASP A 804 20.00 -10.53 5.96
CA ASP A 804 20.05 -9.21 6.59
C ASP A 804 19.09 -9.15 7.76
N LEU A 805 19.63 -9.01 8.96
CA LEU A 805 18.81 -9.00 10.16
C LEU A 805 18.83 -7.64 10.85
N SER A 806 19.06 -6.58 10.07
CA SER A 806 19.23 -5.23 10.63
C SER A 806 18.01 -4.72 11.39
N ASP A 807 18.29 -3.83 12.33
CA ASP A 807 17.29 -3.13 13.14
C ASP A 807 16.35 -4.06 13.90
N ASN A 808 16.89 -5.13 14.47
CA ASN A 808 16.09 -6.02 15.30
C ASN A 808 16.64 -6.11 16.70
N ALA A 809 15.97 -6.85 17.56
CA ALA A 809 16.43 -6.99 18.93
C ALA A 809 17.27 -8.24 19.10
N LEU A 810 18.28 -8.40 18.27
CA LEU A 810 19.11 -9.58 18.38
C LEU A 810 20.21 -9.35 19.39
N GLY A 811 19.86 -9.50 20.65
CA GLY A 811 20.81 -9.22 21.72
C GLY A 811 21.88 -10.28 21.73
N ASP A 812 22.77 -10.22 22.71
CA ASP A 812 23.88 -11.15 22.74
C ASP A 812 23.41 -12.60 22.64
N PHE A 813 22.32 -12.90 23.32
CA PHE A 813 21.74 -14.22 23.27
C PHE A 813 21.38 -14.63 21.85
N GLY A 814 20.70 -13.73 21.15
CA GLY A 814 20.26 -14.04 19.79
C GLY A 814 21.44 -14.33 18.87
N ILE A 815 22.51 -13.57 19.02
CA ILE A 815 23.68 -13.79 18.19
C ILE A 815 24.32 -15.12 18.48
N ARG A 816 24.44 -15.48 19.76
CA ARG A 816 25.00 -16.77 20.07
C ARG A 816 24.29 -17.87 19.30
N LEU A 817 22.96 -17.84 19.28
CA LEU A 817 22.21 -18.84 18.55
C LEU A 817 22.48 -18.78 17.06
N LEU A 818 22.55 -17.57 16.54
CA LEU A 818 22.79 -17.39 15.12
C LEU A 818 24.14 -17.98 14.75
N CYS A 819 25.12 -17.75 15.60
CA CYS A 819 26.47 -18.25 15.39
C CYS A 819 26.52 -19.76 15.38
N VAL A 820 25.67 -20.42 16.17
CA VAL A 820 25.66 -21.87 16.16
C VAL A 820 25.31 -22.36 14.77
N GLY A 821 24.31 -21.72 14.15
CA GLY A 821 23.95 -22.06 12.79
C GLY A 821 25.07 -21.73 11.80
N LEU A 822 25.69 -20.57 11.97
CA LEU A 822 26.72 -20.09 11.05
C LEU A 822 27.96 -20.98 11.06
N LYS A 823 28.25 -21.60 12.19
CA LYS A 823 29.42 -22.47 12.31
C LYS A 823 29.13 -23.87 11.83
N HIS A 824 27.88 -24.14 11.47
CA HIS A 824 27.48 -25.46 11.05
C HIS A 824 28.01 -25.77 9.66
N LEU A 825 28.42 -27.01 9.45
CA LEU A 825 28.89 -27.39 8.13
C LEU A 825 27.78 -27.25 7.11
N LEU A 826 28.18 -26.93 5.89
CA LEU A 826 27.28 -26.74 4.76
C LEU A 826 26.48 -25.43 4.83
N CYS A 827 26.75 -24.58 5.83
CA CYS A 827 26.12 -23.27 5.81
C CYS A 827 26.87 -22.42 4.79
N ASN A 828 26.17 -21.99 3.76
CA ASN A 828 26.82 -21.29 2.66
C ASN A 828 26.62 -19.78 2.69
N LEU A 829 26.19 -19.26 3.83
CA LEU A 829 25.95 -17.82 3.93
C LEU A 829 27.24 -17.06 3.67
N LYS A 830 27.17 -16.06 2.79
CA LYS A 830 28.35 -15.28 2.45
C LYS A 830 28.30 -13.86 3.02
N LYS A 831 27.11 -13.27 3.06
CA LYS A 831 26.99 -11.90 3.54
C LYS A 831 26.03 -11.81 4.71
N LEU A 832 26.52 -11.33 5.85
CA LEU A 832 25.68 -11.21 7.03
C LEU A 832 25.63 -9.79 7.56
N TRP A 833 24.44 -9.22 7.59
CA TRP A 833 24.25 -7.87 8.10
C TRP A 833 23.63 -7.89 9.47
N LEU A 834 24.31 -7.30 10.45
CA LEU A 834 23.80 -7.22 11.81
C LEU A 834 23.82 -5.79 12.30
N VAL A 835 23.40 -4.88 11.44
CA VAL A 835 23.44 -3.47 11.76
C VAL A 835 22.34 -3.08 12.73
N SER A 836 22.68 -2.27 13.72
CA SER A 836 21.71 -1.81 14.71
C SER A 836 20.97 -2.96 15.37
N CYS A 837 21.72 -3.91 15.90
CA CYS A 837 21.12 -5.07 16.54
C CYS A 837 21.31 -5.04 18.04
N CYS A 838 21.63 -3.87 18.57
CA CYS A 838 21.84 -3.71 20.00
C CYS A 838 22.88 -4.71 20.49
N LEU A 839 23.96 -4.85 19.75
CA LEU A 839 25.00 -5.79 20.15
C LEU A 839 25.94 -5.15 21.14
N THR A 840 26.49 -5.98 22.00
CA THR A 840 27.49 -5.54 22.96
C THR A 840 28.70 -6.43 22.84
N SER A 841 29.78 -6.06 23.50
CA SER A 841 31.03 -6.80 23.41
C SER A 841 30.87 -8.24 23.88
N ALA A 842 29.86 -8.48 24.69
CA ALA A 842 29.61 -9.81 25.24
C ALA A 842 29.39 -10.86 24.15
N CYS A 843 28.95 -10.44 22.97
CA CYS A 843 28.64 -11.38 21.92
C CYS A 843 29.70 -11.44 20.82
N CYS A 844 30.70 -10.60 20.93
CA CYS A 844 31.70 -10.52 19.88
C CYS A 844 32.52 -11.80 19.83
N GLN A 845 32.56 -12.51 20.95
CA GLN A 845 33.33 -13.72 21.05
C GLN A 845 32.78 -14.78 20.11
N ASP A 846 31.47 -14.80 19.93
CA ASP A 846 30.87 -15.82 19.10
C ASP A 846 31.00 -15.45 17.63
N LEU A 847 30.90 -14.16 17.34
CA LEU A 847 31.07 -13.71 15.97
C LEU A 847 32.49 -13.94 15.53
N ALA A 848 33.43 -13.75 16.46
CA ALA A 848 34.84 -13.96 16.18
C ALA A 848 35.10 -15.41 15.82
N SER A 849 34.44 -16.31 16.56
CA SER A 849 34.58 -17.74 16.31
C SER A 849 34.06 -18.10 14.92
N VAL A 850 32.99 -17.44 14.51
CA VAL A 850 32.43 -17.69 13.17
C VAL A 850 33.43 -17.29 12.10
N LEU A 851 34.04 -16.12 12.26
CA LEU A 851 35.01 -15.67 11.27
C LEU A 851 36.18 -16.64 11.16
N SER A 852 36.60 -17.18 12.29
CA SER A 852 37.71 -18.12 12.30
C SER A 852 37.39 -19.44 11.62
N THR A 853 36.23 -20.02 11.96
CA THR A 853 35.89 -21.36 11.48
C THR A 853 35.14 -21.39 10.15
N SER A 854 34.33 -20.38 9.86
CA SER A 854 33.51 -20.39 8.66
C SER A 854 34.31 -20.03 7.42
N HIS A 855 34.25 -20.88 6.40
CA HIS A 855 34.98 -20.64 5.16
C HIS A 855 34.18 -19.82 4.16
N SER A 856 32.87 -19.71 4.37
CA SER A 856 32.02 -19.05 3.39
C SER A 856 31.69 -17.60 3.73
N LEU A 857 31.77 -17.23 5.01
CA LEU A 857 31.40 -15.86 5.38
C LEU A 857 32.49 -14.90 4.98
N THR A 858 32.16 -13.96 4.10
CA THR A 858 33.16 -13.01 3.59
C THR A 858 32.81 -11.56 3.89
N ARG A 859 31.54 -11.30 4.16
CA ARG A 859 31.11 -9.93 4.40
C ARG A 859 30.37 -9.85 5.73
N LEU A 860 30.88 -9.03 6.64
CA LEU A 860 30.27 -8.90 7.95
C LEU A 860 30.07 -7.44 8.33
N TYR A 861 28.83 -7.07 8.62
CA TYR A 861 28.53 -5.70 9.01
C TYR A 861 27.94 -5.66 10.41
N VAL A 862 28.70 -5.13 11.35
CA VAL A 862 28.27 -5.11 12.74
C VAL A 862 28.27 -3.71 13.34
N GLY A 863 28.10 -2.72 12.48
CA GLY A 863 28.13 -1.33 12.95
C GLY A 863 26.80 -0.93 13.58
N GLU A 864 26.78 0.29 14.11
CA GLU A 864 25.62 0.86 14.79
C GLU A 864 25.26 -0.01 15.98
N ASN A 865 26.27 -0.46 16.71
CA ASN A 865 26.06 -1.28 17.88
C ASN A 865 26.83 -0.72 19.07
N ALA A 866 26.69 -1.36 20.22
CA ALA A 866 27.39 -0.91 21.42
C ALA A 866 28.66 -1.71 21.63
N LEU A 867 29.49 -1.78 20.60
CA LEU A 867 30.75 -2.49 20.70
C LEU A 867 31.78 -1.58 21.32
N GLY A 868 32.80 -2.18 21.91
CA GLY A 868 33.89 -1.42 22.49
C GLY A 868 35.23 -1.77 21.85
N ASP A 869 36.30 -1.47 22.57
CA ASP A 869 37.66 -1.72 22.09
C ASP A 869 37.95 -3.20 22.16
N SER A 870 37.53 -3.82 23.25
CA SER A 870 37.72 -5.25 23.43
C SER A 870 36.89 -6.00 22.42
N GLY A 871 35.75 -5.42 22.04
CA GLY A 871 34.85 -6.04 21.08
C GLY A 871 35.54 -6.26 19.75
N VAL A 872 36.05 -5.18 19.16
CA VAL A 872 36.69 -5.30 17.86
C VAL A 872 37.99 -6.06 17.97
N ALA A 873 38.68 -5.90 19.12
CA ALA A 873 39.97 -6.58 19.28
C ALA A 873 39.78 -8.07 19.26
N ILE A 874 38.73 -8.59 19.84
CA ILE A 874 38.43 -10.00 19.82
C ILE A 874 38.16 -10.48 18.40
N LEU A 875 37.37 -9.69 17.66
CA LEU A 875 37.09 -10.05 16.28
C LEU A 875 38.40 -10.06 15.49
N CYS A 876 39.26 -9.09 15.77
CA CYS A 876 40.54 -8.96 15.09
C CYS A 876 41.48 -10.12 15.40
N GLU A 877 41.53 -10.52 16.66
CA GLU A 877 42.44 -11.60 17.04
C GLU A 877 42.12 -12.89 16.31
N LYS A 878 40.85 -13.11 16.03
CA LYS A 878 40.48 -14.29 15.26
C LYS A 878 40.52 -13.99 13.76
N ALA A 879 40.17 -12.77 13.37
CA ALA A 879 40.11 -12.38 11.97
C ALA A 879 41.50 -12.27 11.35
N LYS A 880 42.51 -12.01 12.18
CA LYS A 880 43.87 -11.87 11.69
C LYS A 880 44.39 -13.19 11.12
N ASN A 881 43.75 -14.30 11.47
CA ASN A 881 44.21 -15.59 10.98
C ASN A 881 44.34 -15.55 9.47
N PRO A 882 45.49 -15.92 8.89
CA PRO A 882 45.82 -15.84 7.49
C PRO A 882 44.88 -16.68 6.62
N GLN A 883 44.15 -17.60 7.24
CA GLN A 883 43.21 -18.44 6.51
C GLN A 883 41.79 -17.86 6.53
N CYS A 884 41.64 -16.71 7.16
CA CYS A 884 40.34 -16.04 7.22
C CYS A 884 39.98 -15.46 5.86
N ASN A 885 38.74 -15.68 5.43
CA ASN A 885 38.30 -15.19 4.13
C ASN A 885 37.55 -13.87 4.19
N LEU A 886 37.52 -13.24 5.36
CA LEU A 886 36.79 -11.99 5.51
C LEU A 886 37.31 -10.95 4.53
N GLN A 887 36.39 -10.40 3.74
CA GLN A 887 36.74 -9.40 2.72
C GLN A 887 36.30 -8.00 3.12
N LYS A 888 35.13 -7.88 3.73
CA LYS A 888 34.65 -6.57 4.12
C LYS A 888 34.32 -6.52 5.60
N LEU A 889 34.94 -5.58 6.30
CA LEU A 889 34.70 -5.42 7.72
C LEU A 889 33.93 -4.13 7.99
N GLY A 890 32.62 -4.27 8.12
CA GLY A 890 31.71 -3.12 8.18
C GLY A 890 31.53 -2.55 9.57
N LEU A 891 32.62 -2.09 10.18
CA LEU A 891 32.55 -1.49 11.51
C LEU A 891 32.16 -0.04 11.40
N VAL A 892 31.03 0.22 10.77
CA VAL A 892 30.60 1.56 10.42
C VAL A 892 30.51 2.47 11.63
N ASN A 893 29.93 1.96 12.69
CA ASN A 893 29.79 2.74 13.90
C ASN A 893 29.85 1.81 15.08
N SER A 894 31.05 1.55 15.56
CA SER A 894 31.25 0.55 16.59
C SER A 894 31.83 1.16 17.84
N GLY A 895 31.86 2.49 17.90
CA GLY A 895 32.36 3.17 19.07
C GLY A 895 33.84 2.91 19.27
N LEU A 896 34.58 2.78 18.19
CA LEU A 896 35.98 2.43 18.31
C LEU A 896 36.83 3.63 18.66
N THR A 897 37.88 3.35 19.41
CA THR A 897 38.85 4.35 19.83
C THR A 897 40.25 3.99 19.35
N SER A 898 41.21 4.85 19.69
CA SER A 898 42.58 4.69 19.23
C SER A 898 43.25 3.46 19.80
N VAL A 899 42.85 3.08 21.01
CA VAL A 899 43.45 1.97 21.72
C VAL A 899 43.32 0.66 20.95
N CYS A 900 42.17 0.45 20.36
CA CYS A 900 41.89 -0.80 19.65
C CYS A 900 42.46 -0.81 18.25
N CYS A 901 42.98 0.33 17.82
CA CYS A 901 43.43 0.46 16.45
C CYS A 901 44.52 -0.54 16.13
N SER A 902 45.38 -0.83 17.10
CA SER A 902 46.48 -1.75 16.87
C SER A 902 45.97 -3.13 16.49
N ALA A 903 44.74 -3.46 16.90
CA ALA A 903 44.16 -4.74 16.56
C ALA A 903 43.80 -4.76 15.08
N LEU A 904 43.29 -3.62 14.62
CA LEU A 904 42.93 -3.49 13.22
C LEU A 904 44.18 -3.56 12.36
N SER A 905 45.26 -2.98 12.86
CA SER A 905 46.53 -2.98 12.16
C SER A 905 47.02 -4.39 11.93
N SER A 906 46.96 -5.23 12.97
CA SER A 906 47.41 -6.61 12.87
C SER A 906 46.61 -7.36 11.81
N VAL A 907 45.31 -7.09 11.72
CA VAL A 907 44.50 -7.75 10.72
C VAL A 907 44.86 -7.28 9.32
N LEU A 908 45.01 -5.98 9.14
CA LEU A 908 45.30 -5.42 7.83
C LEU A 908 46.58 -5.97 7.22
N SER A 909 47.59 -6.17 8.04
CA SER A 909 48.88 -6.67 7.55
C SER A 909 48.92 -8.20 7.45
N THR A 910 47.87 -8.88 7.89
CA THR A 910 47.90 -10.34 7.92
C THR A 910 46.86 -10.98 7.00
N ASN A 911 45.67 -10.39 6.95
CA ASN A 911 44.57 -10.93 6.16
C ASN A 911 44.67 -10.48 4.70
N GLN A 912 45.11 -11.38 3.84
CA GLN A 912 45.35 -11.05 2.44
C GLN A 912 44.04 -10.94 1.68
N ASN A 913 42.95 -11.32 2.33
CA ASN A 913 41.64 -11.28 1.71
C ASN A 913 40.86 -10.04 2.11
N LEU A 914 41.43 -9.18 2.96
CA LEU A 914 40.68 -8.02 3.44
C LEU A 914 40.87 -6.84 2.50
N THR A 915 39.80 -6.46 1.81
CA THR A 915 39.89 -5.43 0.80
C THR A 915 39.14 -4.16 1.16
N HIS A 916 38.17 -4.24 2.07
CA HIS A 916 37.40 -3.06 2.44
C HIS A 916 37.26 -2.91 3.95
N LEU A 917 37.61 -1.73 4.45
CA LEU A 917 37.45 -1.42 5.88
C LEU A 917 36.64 -0.15 6.07
N TYR A 918 35.53 -0.27 6.78
CA TYR A 918 34.64 0.87 6.97
C TYR A 918 34.62 1.32 8.42
N LEU A 919 35.06 2.55 8.66
CA LEU A 919 35.07 3.10 10.00
C LEU A 919 34.28 4.41 10.04
N ARG A 920 33.22 4.45 9.23
CA ARG A 920 32.44 5.67 9.03
C ARG A 920 31.57 6.05 10.22
N GLY A 921 32.18 6.60 11.26
CA GLY A 921 31.40 6.99 12.44
C GLY A 921 32.07 6.66 13.76
N ASN A 922 33.26 6.06 13.71
CA ASN A 922 33.97 5.76 14.94
C ASN A 922 34.67 7.01 15.40
N THR A 923 35.35 6.94 16.53
CA THR A 923 36.11 8.08 17.02
C THR A 923 37.56 7.70 17.10
N LEU A 924 38.12 7.38 15.94
CA LEU A 924 39.46 6.84 15.84
C LEU A 924 40.48 7.84 16.37
N GLY A 925 40.33 9.11 16.00
CA GLY A 925 41.22 10.15 16.47
C GLY A 925 42.55 10.17 15.70
N ASP A 926 43.38 11.15 16.01
CA ASP A 926 44.65 11.34 15.31
C ASP A 926 45.66 10.24 15.65
N LYS A 927 45.64 9.79 16.90
CA LYS A 927 46.56 8.73 17.32
C LYS A 927 46.14 7.42 16.67
N GLY A 928 44.84 7.25 16.54
CA GLY A 928 44.28 6.05 15.95
C GLY A 928 44.66 5.94 14.48
N ILE A 929 44.50 7.02 13.73
CA ILE A 929 44.84 6.97 12.31
C ILE A 929 46.32 6.75 12.12
N LYS A 930 47.14 7.27 13.04
CA LYS A 930 48.57 7.04 12.96
C LYS A 930 48.86 5.55 13.03
N LEU A 931 48.24 4.88 14.00
CA LEU A 931 48.43 3.44 14.14
C LEU A 931 47.85 2.67 12.96
N LEU A 932 46.73 3.14 12.43
CA LEU A 932 46.10 2.45 11.32
C LEU A 932 47.02 2.56 10.11
N CYS A 933 47.66 3.71 9.97
CA CYS A 933 48.59 3.93 8.87
C CYS A 933 49.76 2.99 8.96
N GLU A 934 50.30 2.78 10.15
CA GLU A 934 51.44 1.87 10.28
C GLU A 934 51.08 0.51 9.72
N GLY A 935 49.86 0.06 9.99
CA GLY A 935 49.37 -1.20 9.45
C GLY A 935 49.22 -1.15 7.93
N LEU A 936 48.56 -0.10 7.44
CA LEU A 936 48.28 0.05 6.02
C LEU A 936 49.56 0.19 5.21
N LEU A 937 50.58 0.80 5.80
CA LEU A 937 51.86 1.03 5.15
C LEU A 937 52.67 -0.25 5.03
N HIS A 938 52.24 -1.31 5.70
CA HIS A 938 52.94 -2.58 5.65
C HIS A 938 52.87 -3.12 4.22
N PRO A 939 53.98 -3.64 3.67
CA PRO A 939 54.10 -4.13 2.31
C PRO A 939 53.15 -5.28 1.98
N ASP A 940 52.68 -6.00 2.99
CA ASP A 940 51.78 -7.12 2.74
C ASP A 940 50.30 -6.76 2.90
N CYS A 941 50.01 -5.49 3.11
CA CYS A 941 48.61 -5.07 3.24
C CYS A 941 47.98 -4.93 1.84
N LYS A 942 46.81 -5.53 1.67
CA LYS A 942 46.13 -5.52 0.37
C LYS A 942 44.86 -4.68 0.38
N LEU A 943 44.64 -3.89 1.42
CA LEU A 943 43.40 -3.12 1.52
C LEU A 943 43.25 -2.22 0.30
N GLN A 944 42.07 -2.25 -0.32
CA GLN A 944 41.81 -1.44 -1.50
C GLN A 944 41.00 -0.20 -1.16
N VAL A 945 40.05 -0.37 -0.25
CA VAL A 945 39.18 0.73 0.11
C VAL A 945 39.20 1.05 1.59
N LEU A 946 39.52 2.29 1.89
CA LEU A 946 39.51 2.76 3.27
C LEU A 946 38.54 3.92 3.43
N GLU A 947 37.51 3.74 4.23
CA GLU A 947 36.53 4.80 4.44
C GLU A 947 36.56 5.32 5.86
N LEU A 948 36.89 6.60 5.98
CA LEU A 948 37.02 7.25 7.28
C LEU A 948 36.13 8.48 7.38
N ASP A 949 34.86 8.26 7.65
CA ASP A 949 33.94 9.38 7.79
C ASP A 949 34.19 9.97 9.14
N ASN A 950 33.48 11.00 9.51
CA ASN A 950 33.77 11.70 10.75
C ASN A 950 34.39 10.79 11.79
N CYS A 951 35.71 10.80 11.85
CA CYS A 951 36.49 10.05 12.84
C CYS A 951 37.21 11.01 13.77
N ASN A 952 36.72 12.25 13.81
CA ASN A 952 37.35 13.30 14.60
C ASN A 952 38.84 13.45 14.28
N LEU A 953 39.18 13.37 13.00
CA LEU A 953 40.57 13.55 12.59
C LEU A 953 40.81 15.00 12.26
N THR A 954 41.99 15.51 12.56
CA THR A 954 42.27 16.88 12.18
C THR A 954 43.64 17.06 11.54
N SER A 955 44.05 18.30 11.38
CA SER A 955 45.25 18.64 10.63
C SER A 955 46.52 18.02 11.20
N HIS A 956 46.49 17.65 12.47
CA HIS A 956 47.66 17.09 13.10
C HIS A 956 48.04 15.72 12.53
N CYS A 957 47.09 15.08 11.84
CA CYS A 957 47.33 13.76 11.28
C CYS A 957 47.49 13.80 9.76
N CYS A 958 47.40 14.98 9.19
CA CYS A 958 47.38 15.09 7.74
C CYS A 958 48.69 14.64 7.12
N TRP A 959 49.76 14.68 7.89
CA TRP A 959 51.08 14.28 7.42
C TRP A 959 51.15 12.77 7.21
N ASP A 960 50.37 12.02 7.99
CA ASP A 960 50.41 10.57 7.88
C ASP A 960 49.50 10.12 6.76
N LEU A 961 48.39 10.82 6.60
CA LEU A 961 47.47 10.51 5.52
C LEU A 961 48.12 10.83 4.19
N SER A 962 48.90 11.91 4.15
CA SER A 962 49.63 12.26 2.94
C SER A 962 50.67 11.18 2.64
N THR A 963 51.37 10.73 3.68
CA THR A 963 52.36 9.68 3.52
C THR A 963 51.68 8.41 3.00
N LEU A 964 50.54 8.08 3.58
CA LEU A 964 49.80 6.89 3.20
C LEU A 964 49.51 6.89 1.70
N LEU A 965 49.11 8.04 1.17
CA LEU A 965 48.81 8.15 -0.24
C LEU A 965 50.03 7.84 -1.12
N THR A 966 51.23 8.21 -0.67
CA THR A 966 52.42 7.99 -1.50
C THR A 966 53.11 6.65 -1.24
N SER A 967 52.95 6.12 -0.03
CA SER A 967 53.65 4.88 0.31
C SER A 967 52.83 3.61 0.08
N SER A 968 51.52 3.70 0.22
CA SER A 968 50.68 2.51 0.06
C SER A 968 50.25 2.33 -1.38
N GLN A 969 50.67 1.21 -1.99
CA GLN A 969 50.37 0.95 -3.39
C GLN A 969 49.16 0.07 -3.58
N SER A 970 48.54 -0.36 -2.48
CA SER A 970 47.40 -1.26 -2.56
C SER A 970 46.07 -0.54 -2.63
N LEU A 971 46.01 0.67 -2.08
CA LEU A 971 44.76 1.42 -2.03
C LEU A 971 44.34 1.90 -3.40
N ARG A 972 43.04 1.85 -3.65
CA ARG A 972 42.47 2.35 -4.88
C ARG A 972 41.50 3.48 -4.58
N LYS A 973 40.93 3.42 -3.37
CA LYS A 973 40.03 4.44 -2.90
C LYS A 973 40.34 4.78 -1.45
N LEU A 974 40.31 6.06 -1.13
CA LEU A 974 40.44 6.55 0.23
C LEU A 974 39.48 7.70 0.39
N SER A 975 38.61 7.63 1.37
CA SER A 975 37.63 8.69 1.51
C SER A 975 37.53 9.21 2.92
N LEU A 976 37.89 10.48 3.08
CA LEU A 976 37.74 11.16 4.35
C LEU A 976 36.41 11.87 4.34
N GLY A 977 35.70 11.84 5.46
CA GLY A 977 34.37 12.44 5.50
C GLY A 977 34.32 13.74 6.29
N ASN A 978 33.29 13.86 7.10
CA ASN A 978 33.00 15.11 7.79
C ASN A 978 33.92 15.35 8.99
N ASN A 979 35.17 15.67 8.69
CA ASN A 979 36.16 15.96 9.71
C ASN A 979 37.04 17.11 9.24
N ASP A 980 37.54 17.91 10.18
CA ASP A 980 38.32 19.09 9.81
C ASP A 980 39.79 18.78 9.56
N LEU A 981 40.07 18.17 8.42
CA LEU A 981 41.43 17.86 7.98
C LEU A 981 42.26 19.12 7.83
N GLY A 982 41.62 20.20 7.41
CA GLY A 982 42.31 21.47 7.22
C GLY A 982 42.78 21.67 5.79
N ASP A 983 43.25 22.88 5.51
CA ASP A 983 43.68 23.26 4.18
C ASP A 983 45.07 22.71 3.88
N LEU A 984 45.90 22.59 4.91
CA LEU A 984 47.25 22.08 4.68
C LEU A 984 47.19 20.67 4.17
N GLY A 985 46.36 19.84 4.81
CA GLY A 985 46.23 18.44 4.42
C GLY A 985 45.78 18.31 2.98
N VAL A 986 44.72 19.03 2.63
CA VAL A 986 44.19 18.94 1.28
C VAL A 986 45.18 19.44 0.24
N MET A 987 45.87 20.55 0.53
CA MET A 987 46.85 21.05 -0.43
C MET A 987 47.97 20.06 -0.63
N MET A 988 48.41 19.41 0.45
CA MET A 988 49.44 18.40 0.31
C MET A 988 48.92 17.26 -0.53
N PHE A 989 47.68 16.82 -0.29
CA PHE A 989 47.10 15.74 -1.06
C PHE A 989 47.18 16.06 -2.53
N CYS A 990 46.78 17.27 -2.90
CA CYS A 990 46.79 17.64 -4.30
C CYS A 990 48.15 17.42 -4.93
N GLU A 991 49.20 17.85 -4.25
CA GLU A 991 50.54 17.72 -4.80
C GLU A 991 51.06 16.29 -4.82
N VAL A 992 50.83 15.54 -3.75
CA VAL A 992 51.38 14.19 -3.68
C VAL A 992 50.64 13.23 -4.62
N LEU A 993 49.37 13.52 -4.88
CA LEU A 993 48.57 12.70 -5.78
C LEU A 993 49.05 12.82 -7.23
N LYS A 994 49.91 13.79 -7.50
CA LYS A 994 50.44 13.98 -8.84
C LYS A 994 51.63 13.05 -9.10
N GLN A 995 52.18 12.48 -8.03
CA GLN A 995 53.38 11.66 -8.14
C GLN A 995 53.04 10.21 -8.45
N GLN A 996 52.43 9.99 -9.61
CA GLN A 996 52.06 8.66 -10.07
C GLN A 996 51.29 7.87 -9.01
N SER A 997 50.27 8.49 -8.43
CA SER A 997 49.45 7.85 -7.40
C SER A 997 48.65 6.69 -7.96
N CYS A 998 48.47 5.65 -7.15
CA CYS A 998 47.67 4.51 -7.55
C CYS A 998 46.21 4.70 -7.16
N LEU A 999 45.91 5.78 -6.46
CA LEU A 999 44.54 6.06 -6.06
C LEU A 999 43.80 6.66 -7.24
N LEU A 1000 42.73 6.00 -7.65
CA LEU A 1000 41.99 6.43 -8.85
C LEU A 1000 40.57 6.85 -8.50
N GLN A 1001 40.06 6.34 -7.39
CA GLN A 1001 38.67 6.55 -7.03
C GLN A 1001 38.47 7.77 -6.16
N ASN A 1002 37.22 8.00 -5.80
CA ASN A 1002 36.83 9.17 -5.04
C ASN A 1002 37.78 9.45 -3.89
N LEU A 1003 38.32 10.68 -3.88
CA LEU A 1003 39.25 11.14 -2.86
C LEU A 1003 38.55 11.51 -1.56
N GLY A 1004 37.23 11.65 -1.61
CA GLY A 1004 36.44 12.02 -0.44
C GLY A 1004 36.55 13.50 -0.11
N LEU A 1005 36.78 13.81 1.16
CA LEU A 1005 36.78 15.18 1.67
C LEU A 1005 35.34 15.70 1.67
N SER A 1006 34.41 14.77 1.87
CA SER A 1006 32.99 15.07 1.83
C SER A 1006 32.58 15.99 2.96
N GLU A 1007 31.66 16.90 2.66
CA GLU A 1007 31.10 17.80 3.65
C GLU A 1007 32.14 18.70 4.30
N MET A 1008 33.34 18.73 3.75
CA MET A 1008 34.37 19.60 4.26
C MET A 1008 34.47 20.82 3.36
N TYR A 1009 34.57 22.00 3.96
CA TYR A 1009 34.58 23.23 3.20
C TYR A 1009 35.88 23.96 3.33
N PHE A 1010 36.23 24.75 2.34
CA PHE A 1010 37.52 25.40 2.29
C PHE A 1010 37.42 26.83 1.80
N ASN A 1011 38.57 27.49 1.75
CA ASN A 1011 38.67 28.82 1.17
C ASN A 1011 38.78 28.71 -0.34
N TYR A 1012 38.93 29.84 -1.01
CA TYR A 1012 38.92 29.85 -2.47
C TYR A 1012 40.22 29.26 -3.04
N GLU A 1013 41.33 29.46 -2.35
CA GLU A 1013 42.61 28.95 -2.84
C GLU A 1013 42.60 27.43 -2.91
N THR A 1014 42.10 26.81 -1.86
CA THR A 1014 42.01 25.35 -1.80
C THR A 1014 41.04 24.83 -2.85
N LYS A 1015 39.89 25.48 -3.01
CA LYS A 1015 38.92 25.04 -4.01
C LYS A 1015 39.54 25.07 -5.41
N SER A 1016 40.31 26.12 -5.69
CA SER A 1016 40.97 26.23 -6.99
C SER A 1016 41.93 25.08 -7.18
N ALA A 1017 42.72 24.76 -6.17
CA ALA A 1017 43.66 23.67 -6.22
C ALA A 1017 42.97 22.34 -6.51
N LEU A 1018 41.81 22.14 -5.85
CA LEU A 1018 41.06 20.89 -6.05
C LEU A 1018 40.49 20.81 -7.46
N GLU A 1019 39.97 21.92 -7.99
CA GLU A 1019 39.46 21.93 -9.35
C GLU A 1019 40.60 21.65 -10.32
N THR A 1020 41.76 22.24 -10.03
CA THR A 1020 42.94 22.04 -10.86
C THR A 1020 43.30 20.57 -10.86
N LEU A 1021 43.30 19.96 -9.69
CA LEU A 1021 43.63 18.55 -9.55
C LEU A 1021 42.71 17.69 -10.40
N GLN A 1022 41.40 17.97 -10.36
CA GLN A 1022 40.44 17.18 -11.10
C GLN A 1022 40.73 17.18 -12.60
N GLU A 1023 41.14 18.33 -13.14
CA GLU A 1023 41.41 18.43 -14.56
C GLU A 1023 42.85 18.06 -14.93
N GLU A 1024 43.79 18.35 -14.04
CA GLU A 1024 45.20 18.15 -14.30
C GLU A 1024 45.54 16.67 -14.37
N LYS A 1025 44.92 15.87 -13.50
CA LYS A 1025 45.17 14.43 -13.44
C LYS A 1025 43.88 13.62 -13.50
N PRO A 1026 43.35 13.38 -14.73
CA PRO A 1026 42.09 12.72 -15.04
C PRO A 1026 42.02 11.31 -14.44
N GLU A 1027 43.18 10.75 -14.11
CA GLU A 1027 43.24 9.43 -13.51
C GLU A 1027 42.41 9.38 -12.23
N LEU A 1028 42.37 10.49 -11.50
CA LEU A 1028 41.54 10.57 -10.31
C LEU A 1028 40.14 10.95 -10.75
N THR A 1029 39.27 9.97 -10.82
CA THR A 1029 37.97 10.16 -11.42
C THR A 1029 37.15 11.19 -10.66
N VAL A 1030 37.19 11.11 -9.33
CA VAL A 1030 36.41 12.03 -8.52
C VAL A 1030 37.23 12.69 -7.41
N VAL A 1031 37.26 14.01 -7.44
CA VAL A 1031 37.84 14.79 -6.36
C VAL A 1031 36.78 15.05 -5.29
N PHE A 1032 35.55 15.23 -5.74
CA PHE A 1032 34.37 15.44 -4.88
C PHE A 1032 34.42 16.75 -4.11
N GLU A 1033 34.59 17.86 -4.82
CA GLU A 1033 34.53 19.16 -4.17
C GLU A 1033 33.12 19.34 -3.61
N PRO A 1034 32.98 20.05 -2.49
CA PRO A 1034 31.73 20.32 -1.77
C PRO A 1034 30.70 21.15 -2.55
N SER A 1035 31.15 21.90 -3.57
CA SER A 1035 30.27 22.75 -4.39
C SER A 1035 31.03 23.23 -5.63
PG ATP B . -21.15 5.21 -2.66
O1G ATP B . -19.64 5.32 -2.74
O2G ATP B . -21.76 5.82 -1.42
O3G ATP B . -21.87 5.57 -3.94
PB ATP B . -20.68 2.80 -1.33
O1B ATP B . -19.27 2.53 -1.79
O2B ATP B . -20.92 3.51 -0.02
O3B ATP B . -21.42 3.63 -2.49
PA ATP B . -22.82 1.28 -0.46
O1A ATP B . -23.87 2.09 -1.17
O2A ATP B . -22.49 1.56 0.98
O3A ATP B . -21.49 1.40 -1.33
O5' ATP B . -23.30 -0.25 -0.52
C5' ATP B . -24.61 -0.53 -0.04
C4' ATP B . -24.80 -2.01 0.23
O4' ATP B . -23.90 -2.43 1.26
C3' ATP B . -26.20 -2.29 0.72
O3' ATP B . -26.89 -3.14 -0.20
C2' ATP B . -26.04 -2.99 2.05
O2' ATP B . -26.75 -4.24 2.03
C1' ATP B . -24.56 -3.27 2.20
N9 ATP B . -24.10 -2.93 3.57
C8 ATP B . -22.99 -2.23 3.84
N7 ATP B . -22.79 -2.08 5.17
C5 ATP B . -23.81 -2.71 5.77
C6 ATP B . -24.22 -2.94 7.17
N6 ATP B . -23.47 -2.45 8.19
N1 ATP B . -25.33 -3.65 7.40
C2 ATP B . -26.07 -4.14 6.38
N3 ATP B . -25.76 -3.97 5.08
C4 ATP B . -24.66 -3.28 4.72
N1 A1BLP C . -7.61 -0.48 -5.57
N3 A1BLP C . -10.03 -3.58 -4.95
C4 A1BLP C . -5.85 -2.48 -4.37
C5 A1BLP C . -7.25 -2.87 -4.85
C6 A1BLP C . -7.72 -1.90 -5.95
C7 A1BLP C . -9.43 -3.50 -3.77
C8 A1BLP C . -11.96 -4.52 -4.02
C10 A1BLP C . -11.87 -4.90 -1.40
C13 A1BLP C . -10.08 -3.95 -2.63
C15 A1BLP C . -14.34 -5.16 -3.43
C17 A1BLP C . -15.84 -5.98 -5.11
C20 A1BLP C . -17.19 -6.50 -5.51
C1 A1BLP C . -8.55 -0.13 -4.52
O1 A1BLP C . -12.62 -5.28 -6.64
C2 A1BLP C . -6.24 -0.17 -5.17
N2 A1BLP C . -8.16 -3.00 -3.72
C3 A1BLP C . -5.82 -1.01 -3.99
N4 A1BLP C . -11.27 -4.07 -5.07
C9 A1BLP C . -11.37 -4.47 -2.75
C11 A1BLP C . -10.95 -4.12 -0.44
C12 A1BLP C . -9.62 -4.00 -1.20
C14 A1BLP C . -13.31 -5.03 -4.37
C16 A1BLP C . -15.58 -5.63 -3.79
C18 A1BLP C . -14.84 -5.86 -6.05
C19 A1BLP C . -13.60 -5.39 -5.69
F1 A1BLP C . -18.16 -6.08 -4.70
F2 A1BLP C . -17.24 -7.82 -5.52
F3 A1BLP C . -17.53 -6.11 -6.74
#